data_5MLO
#
_entry.id   5MLO
#
_cell.length_a   68.136
_cell.length_b   86.802
_cell.length_c   156.679
_cell.angle_alpha   90.00
_cell.angle_beta   90.00
_cell.angle_gamma   90.00
#
_symmetry.space_group_name_H-M   'P 21 21 21'
#
loop_
_entity.id
_entity.type
_entity.pdbx_description
1 polymer 'Proliferating cell nuclear antigen'
2 polymer 'ZRANB3 PIP box peptide'
3 non-polymer 'SODIUM ION'
4 water water
#
loop_
_entity_poly.entity_id
_entity_poly.type
_entity_poly.pdbx_seq_one_letter_code
_entity_poly.pdbx_strand_id
1 'polypeptide(L)'
;MFEARLVQGSILKKVLEALKDLINEACWDISSSGVNLQSMDSSHVSLVQLTLRSEGFDTYRCDRNLAMGVNLTSMSKILK
CAGNEDIITLRAEDNADTLALVFEAPNQEKVSDYEMKLMDLDVEQLGIPEQEYSCVVKMPSGEFARICRDLSHIGDAVVI
SCAKDGVKFSASGELGNGNIKLSQTSNVDKEEEAVTIEMNEPVQLTFALRYLNFFTKATPLSSTVTLSMSADVPLVVEYK
IADMGHLKYYLAPKIEDEEGS
;
A,C,E
2 'polypeptide(L)' EKEKQHDIRSFFVPQ B,D,F
#
# COMPACT_ATOMS: atom_id res chain seq x y z
N MET A 1 12.82 -8.77 41.30
CA MET A 1 12.14 -8.23 40.11
C MET A 1 13.07 -7.42 39.22
N PHE A 2 12.78 -7.48 37.92
CA PHE A 2 13.18 -6.47 36.94
C PHE A 2 11.94 -5.72 36.52
N GLU A 3 12.01 -4.40 36.51
CA GLU A 3 10.93 -3.56 36.01
C GLU A 3 11.47 -2.28 35.38
N ALA A 4 11.09 -2.04 34.12
CA ALA A 4 11.55 -0.86 33.39
C ALA A 4 10.37 -0.22 32.70
N ARG A 5 10.09 1.03 33.05
CA ARG A 5 8.98 1.79 32.49
C ARG A 5 9.52 2.78 31.48
N LEU A 6 9.00 2.73 30.26
CA LEU A 6 9.41 3.64 29.18
C LEU A 6 8.22 4.45 28.65
N VAL A 7 8.20 5.75 28.94
CA VAL A 7 7.08 6.59 28.50
C VAL A 7 7.02 6.67 26.97
N GLN A 8 8.19 6.75 26.34
CA GLN A 8 8.29 6.73 24.88
C GLN A 8 8.38 5.32 24.36
N GLY A 9 7.27 4.58 24.48
CA GLY A 9 7.27 3.15 24.19
C GLY A 9 7.57 2.83 22.72
N SER A 10 7.34 3.79 21.84
CA SER A 10 7.67 3.65 20.42
C SER A 10 9.15 3.38 20.16
N ILE A 11 10.00 3.75 21.11
CA ILE A 11 11.42 3.39 21.02
C ILE A 11 11.60 1.90 20.94
N LEU A 12 10.97 1.17 21.85
CA LEU A 12 11.05 -0.26 21.84
C LEU A 12 10.47 -0.89 20.60
N LYS A 13 9.34 -0.37 20.14
CA LYS A 13 8.76 -0.80 18.87
C LYS A 13 9.76 -0.66 17.74
N LYS A 14 10.43 0.50 17.70
CA LYS A 14 11.42 0.74 16.64
C LYS A 14 12.61 -0.17 16.76
N VAL A 15 13.08 -0.40 17.99
CA VAL A 15 14.22 -1.27 18.16
C VAL A 15 13.93 -2.68 17.60
N LEU A 16 12.77 -3.22 17.95
CA LEU A 16 12.44 -4.55 17.48
C LEU A 16 12.25 -4.64 15.99
N GLU A 17 11.65 -3.63 15.41
CA GLU A 17 11.62 -3.54 13.95
C GLU A 17 13.03 -3.45 13.33
N ALA A 18 14.00 -2.87 14.04
CA ALA A 18 15.37 -2.76 13.56
C ALA A 18 16.21 -4.02 13.71
N LEU A 19 15.72 -4.98 14.47
CA LEU A 19 16.47 -6.19 14.78
C LEU A 19 15.90 -7.46 14.14
N LYS A 20 14.57 -7.57 14.11
CA LYS A 20 13.95 -8.89 13.94
C LYS A 20 14.21 -9.50 12.56
N ASP A 21 14.48 -8.70 11.54
CA ASP A 21 14.72 -9.24 10.20
C ASP A 21 16.16 -9.72 10.04
N LEU A 22 17.05 -9.20 10.87
CA LEU A 22 18.44 -9.61 10.85
C LEU A 22 18.76 -10.77 11.81
N ILE A 23 18.14 -10.74 12.98
CA ILE A 23 18.42 -11.68 14.05
C ILE A 23 17.10 -12.35 14.47
N ASN A 24 17.04 -13.67 14.48
CA ASN A 24 15.80 -14.37 14.86
C ASN A 24 15.63 -14.44 16.37
N GLU A 25 16.72 -14.68 17.08
CA GLU A 25 16.66 -14.85 18.52
C GLU A 25 17.93 -14.27 19.14
N ALA A 26 17.81 -13.73 20.34
CA ALA A 26 18.97 -13.19 21.03
C ALA A 26 18.75 -13.15 22.53
N CYS A 27 19.85 -12.99 23.26
CA CYS A 27 19.84 -12.82 24.69
C CYS A 27 19.78 -11.35 25.09
N TRP A 28 18.80 -11.01 25.93
CA TRP A 28 18.68 -9.65 26.46
C TRP A 28 19.30 -9.65 27.84
N ASP A 29 20.45 -9.02 27.94
CA ASP A 29 21.20 -8.98 29.18
C ASP A 29 20.73 -7.80 29.98
N ILE A 30 20.13 -8.10 31.13
CA ILE A 30 19.55 -7.10 32.00
C ILE A 30 20.43 -7.00 33.24
N SER A 31 20.85 -5.77 33.55
CA SER A 31 21.59 -5.49 34.76
C SER A 31 21.14 -4.15 35.29
N SER A 32 21.76 -3.73 36.39
CA SER A 32 21.43 -2.44 37.00
C SER A 32 21.78 -1.28 36.10
N SER A 33 22.73 -1.47 35.20
CA SER A 33 23.13 -0.38 34.33
C SER A 33 22.23 -0.27 33.09
N GLY A 34 21.41 -1.27 32.82
CA GLY A 34 20.46 -1.18 31.72
C GLY A 34 20.34 -2.47 30.95
N VAL A 35 19.91 -2.33 29.70
CA VAL A 35 19.69 -3.44 28.82
C VAL A 35 20.77 -3.47 27.73
N ASN A 36 21.41 -4.62 27.58
CA ASN A 36 22.42 -4.86 26.54
C ASN A 36 22.08 -6.11 25.75
N LEU A 37 22.33 -6.07 24.45
CA LEU A 37 22.07 -7.20 23.59
C LEU A 37 23.16 -7.20 22.55
N GLN A 38 23.75 -8.37 22.34
CA GLN A 38 24.74 -8.56 21.28
C GLN A 38 24.49 -9.88 20.58
N SER A 39 24.48 -9.88 19.24
CA SER A 39 24.19 -11.11 18.51
C SER A 39 24.73 -11.05 17.10
N MET A 40 25.13 -12.23 16.58
CA MET A 40 25.54 -12.39 15.20
C MET A 40 24.40 -12.88 14.37
N ASP A 41 24.36 -12.51 13.09
CA ASP A 41 23.35 -13.09 12.20
C ASP A 41 23.77 -14.51 11.91
N SER A 42 22.85 -15.29 11.35
CA SER A 42 23.01 -16.75 11.25
C SER A 42 24.03 -17.16 10.17
N SER A 43 24.31 -16.27 9.22
CA SER A 43 25.41 -16.50 8.28
C SER A 43 26.76 -15.93 8.75
N HIS A 44 26.83 -15.38 9.96
CA HIS A 44 28.11 -14.91 10.55
C HIS A 44 28.85 -13.89 9.71
N VAL A 45 28.08 -12.99 9.11
CA VAL A 45 28.62 -11.89 8.31
C VAL A 45 28.58 -10.57 9.12
N SER A 46 27.64 -10.47 10.05
CA SER A 46 27.41 -9.23 10.79
C SER A 46 27.15 -9.49 12.24
N LEU A 47 27.26 -8.42 13.01
CA LEU A 47 26.97 -8.43 14.42
C LEU A 47 26.21 -7.16 14.77
N VAL A 48 25.26 -7.30 15.69
CA VAL A 48 24.51 -6.16 16.19
C VAL A 48 24.69 -6.02 17.69
N GLN A 49 24.86 -4.77 18.13
CA GLN A 49 24.98 -4.44 19.53
C GLN A 49 24.00 -3.31 19.91
N LEU A 50 23.14 -3.59 20.89
CA LEU A 50 22.15 -2.65 21.42
C LEU A 50 22.54 -2.26 22.84
N THR A 51 22.41 -0.98 23.15
CA THR A 51 22.51 -0.51 24.51
C THR A 51 21.34 0.40 24.83
N LEU A 52 20.64 0.10 25.92
CA LEU A 52 19.62 1.00 26.48
C LEU A 52 19.93 1.21 27.97
N ARG A 53 20.44 2.41 28.30
CA ARG A 53 20.89 2.67 29.66
C ARG A 53 19.73 2.87 30.63
N SER A 54 19.94 2.46 31.88
CA SER A 54 18.89 2.52 32.91
C SER A 54 18.35 3.93 33.06
N GLU A 55 19.22 4.94 32.99
CA GLU A 55 18.81 6.32 33.21
CA GLU A 55 18.81 6.32 33.18
C GLU A 55 17.90 6.86 32.09
N GLY A 56 17.86 6.19 30.94
CA GLY A 56 16.96 6.56 29.85
C GLY A 56 15.52 6.10 30.06
N PHE A 57 15.32 5.17 30.99
CA PHE A 57 13.97 4.80 31.37
C PHE A 57 13.37 5.75 32.41
N ASP A 58 12.06 5.83 32.42
CA ASP A 58 11.39 6.65 33.39
C ASP A 58 11.46 6.13 34.81
N THR A 59 11.28 4.82 34.96
CA THR A 59 11.73 4.13 36.17
C THR A 59 12.46 2.85 35.75
N TYR A 60 13.35 2.38 36.63
CA TYR A 60 14.16 1.22 36.31
C TYR A 60 14.56 0.53 37.59
N ARG A 61 14.25 -0.75 37.67
CA ARG A 61 14.68 -1.55 38.80
C ARG A 61 15.18 -2.86 38.27
N CYS A 62 16.38 -3.26 38.69
CA CYS A 62 16.89 -4.60 38.42
C CYS A 62 17.60 -5.18 39.66
N ASP A 63 16.94 -6.13 40.31
CA ASP A 63 17.41 -6.71 41.56
C ASP A 63 18.53 -7.72 41.31
N ARG A 64 18.48 -8.43 40.20
CA ARG A 64 19.52 -9.40 39.86
C ARG A 64 19.75 -9.40 38.36
N ASN A 65 20.97 -9.70 37.94
CA ASN A 65 21.28 -9.78 36.53
C ASN A 65 20.55 -10.93 35.84
N LEU A 66 19.95 -10.68 34.67
CA LEU A 66 19.24 -11.72 33.92
C LEU A 66 19.82 -11.85 32.53
N ALA A 67 19.66 -13.02 31.96
CA ALA A 67 19.92 -13.27 30.57
C ALA A 67 18.64 -13.87 30.00
N MET A 68 17.80 -13.04 29.38
CA MET A 68 16.53 -13.55 28.87
C MET A 68 16.67 -13.91 27.38
N GLY A 69 16.51 -15.19 27.07
CA GLY A 69 16.50 -15.64 25.68
C GLY A 69 15.19 -15.33 25.01
N VAL A 70 15.23 -14.53 23.93
CA VAL A 70 13.99 -14.01 23.31
C VAL A 70 13.96 -14.32 21.81
N ASN A 71 12.83 -14.84 21.36
CA ASN A 71 12.54 -14.94 19.95
C ASN A 71 12.08 -13.58 19.46
N LEU A 72 12.89 -12.92 18.64
CA LEU A 72 12.66 -11.52 18.32
C LEU A 72 11.43 -11.33 17.42
N THR A 73 11.13 -12.35 16.63
CA THR A 73 9.89 -12.42 15.84
C THR A 73 8.68 -12.38 16.74
N SER A 74 8.75 -13.10 17.85
CA SER A 74 7.64 -13.13 18.81
C SER A 74 7.49 -11.82 19.54
N MET A 75 8.62 -11.24 19.93
CA MET A 75 8.56 -10.01 20.66
C MET A 75 8.02 -8.90 19.76
N SER A 76 8.41 -8.94 18.49
CA SER A 76 7.97 -7.96 17.49
C SER A 76 6.46 -8.02 17.30
N LYS A 77 5.94 -9.23 17.23
CA LYS A 77 4.50 -9.39 17.11
C LYS A 77 3.76 -8.78 18.28
N ILE A 78 4.30 -8.98 19.49
CA ILE A 78 3.71 -8.39 20.70
C ILE A 78 3.80 -6.86 20.68
N LEU A 79 4.96 -6.32 20.33
CA LEU A 79 5.12 -4.87 20.33
C LEU A 79 4.30 -4.18 19.25
N LYS A 80 3.97 -4.90 18.18
CA LYS A 80 3.02 -4.38 17.22
C LYS A 80 1.62 -4.20 17.79
N CYS A 81 1.33 -4.81 18.93
CA CYS A 81 0.05 -4.57 19.61
C CYS A 81 0.03 -3.34 20.49
N ALA A 82 1.16 -2.64 20.58
CA ALA A 82 1.22 -1.37 21.27
C ALA A 82 0.95 -0.22 20.29
N GLY A 83 0.19 0.77 20.74
CA GLY A 83 0.11 2.02 20.01
C GLY A 83 1.42 2.80 20.10
N ASN A 84 1.63 3.70 19.13
CA ASN A 84 2.87 4.48 19.08
C ASN A 84 3.04 5.45 20.26
N GLU A 85 1.93 5.87 20.87
CA GLU A 85 1.96 6.78 22.01
CA GLU A 85 1.96 6.78 22.01
C GLU A 85 1.89 6.03 23.35
N ASP A 86 1.96 4.70 23.34
CA ASP A 86 1.83 3.93 24.57
C ASP A 86 3.02 4.08 25.51
N ILE A 87 2.73 4.03 26.80
CA ILE A 87 3.76 3.82 27.82
C ILE A 87 3.93 2.31 27.95
N ILE A 88 5.15 1.86 27.82
CA ILE A 88 5.43 0.44 27.81
C ILE A 88 6.33 0.09 29.01
N THR A 89 5.88 -0.91 29.77
CA THR A 89 6.64 -1.42 30.91
C THR A 89 7.02 -2.87 30.68
N LEU A 90 8.30 -3.14 30.91
CA LEU A 90 8.79 -4.49 30.82
C LEU A 90 8.96 -4.99 32.24
N ARG A 91 8.56 -6.22 32.49
CA ARG A 91 8.65 -6.75 33.84
C ARG A 91 8.94 -8.23 33.88
N ALA A 92 9.84 -8.63 34.78
CA ALA A 92 10.01 -10.04 35.09
C ALA A 92 9.81 -10.16 36.59
N GLU A 93 8.66 -10.72 36.98
CA GLU A 93 8.32 -10.92 38.38
C GLU A 93 9.42 -11.77 39.03
N ASP A 94 9.55 -11.63 40.35
CA ASP A 94 10.73 -12.10 41.12
C ASP A 94 11.40 -13.43 40.73
N ASN A 95 10.62 -14.43 40.37
CA ASN A 95 11.21 -15.68 39.93
C ASN A 95 10.44 -16.30 38.76
N ALA A 96 9.85 -15.46 37.91
CA ALA A 96 9.21 -15.95 36.69
C ALA A 96 10.25 -16.27 35.61
N ASP A 97 9.83 -17.02 34.58
N ASP A 97 9.87 -17.01 34.57
CA ASP A 97 10.64 -17.28 33.38
CA ASP A 97 10.71 -16.93 33.37
C ASP A 97 9.92 -16.82 32.10
N THR A 98 9.07 -15.82 32.19
CA THR A 98 8.48 -15.21 31.04
C THR A 98 8.90 -13.74 31.16
N LEU A 99 8.70 -12.98 30.10
CA LEU A 99 8.83 -11.54 30.18
C LEU A 99 7.43 -10.98 30.02
N ALA A 100 7.01 -10.14 30.96
CA ALA A 100 5.72 -9.46 30.84
C ALA A 100 5.90 -8.08 30.22
N LEU A 101 4.98 -7.72 29.35
CA LEU A 101 4.93 -6.38 28.75
C LEU A 101 3.58 -5.79 29.11
N VAL A 102 3.59 -4.56 29.62
CA VAL A 102 2.37 -3.80 29.85
C VAL A 102 2.28 -2.54 29.00
N PHE A 103 1.18 -2.35 28.27
CA PHE A 103 1.00 -1.18 27.39
C PHE A 103 -0.14 -0.34 27.97
N GLU A 104 0.16 0.90 28.37
CA GLU A 104 -0.86 1.83 28.82
C GLU A 104 -1.09 2.91 27.79
N ALA A 105 -2.33 2.98 27.29
CA ALA A 105 -2.71 4.06 26.36
C ALA A 105 -2.91 5.36 27.14
N PRO A 106 -2.14 6.42 26.83
CA PRO A 106 -2.16 7.57 27.75
C PRO A 106 -3.40 8.45 27.64
N ASN A 107 -4.01 8.47 26.46
CA ASN A 107 -5.23 9.22 26.24
C ASN A 107 -6.45 8.30 26.00
N GLN A 108 -6.44 7.14 26.64
CA GLN A 108 -7.54 6.17 26.51
C GLN A 108 -7.57 5.24 27.72
N GLU A 109 -8.73 4.70 28.06
CA GLU A 109 -8.87 3.79 29.21
C GLU A 109 -8.70 2.33 28.77
N LYS A 110 -7.49 2.02 28.29
CA LYS A 110 -7.13 0.71 27.76
C LYS A 110 -5.79 0.30 28.34
N VAL A 111 -5.73 -0.92 28.86
CA VAL A 111 -4.49 -1.47 29.35
C VAL A 111 -4.37 -2.87 28.75
N SER A 112 -3.20 -3.16 28.20
CA SER A 112 -2.89 -4.47 27.66
C SER A 112 -1.73 -5.09 28.42
N ASP A 113 -1.86 -6.38 28.72
CA ASP A 113 -0.78 -7.18 29.30
C ASP A 113 -0.46 -8.33 28.36
N TYR A 114 0.82 -8.51 28.09
CA TYR A 114 1.29 -9.63 27.31
C TYR A 114 2.37 -10.36 28.09
N GLU A 115 2.35 -11.69 28.01
CA GLU A 115 3.35 -12.52 28.64
C GLU A 115 4.01 -13.36 27.58
N MET A 116 5.31 -13.19 27.45
CA MET A 116 6.05 -13.77 26.37
C MET A 116 6.91 -14.87 26.96
N LYS A 117 6.81 -16.03 26.35
CA LYS A 117 7.61 -17.17 26.74
C LYS A 117 9.04 -16.91 26.29
N LEU A 118 9.98 -17.23 27.18
CA LEU A 118 11.38 -17.11 26.89
C LEU A 118 11.96 -18.43 26.38
N MET A 119 13.21 -18.41 25.93
CA MET A 119 13.86 -19.62 25.43
C MET A 119 15.27 -19.76 25.99
N ASP A 120 15.80 -20.97 25.98
CA ASP A 120 17.16 -21.22 26.46
C ASP A 120 18.14 -21.06 25.31
N LEU A 121 19.05 -20.11 25.45
CA LEU A 121 20.00 -19.79 24.41
C LEU A 121 21.41 -19.95 24.97
N ASP A 122 22.24 -20.69 24.26
CA ASP A 122 23.68 -20.71 24.54
C ASP A 122 24.38 -19.87 23.48
N VAL A 123 24.68 -18.61 23.84
CA VAL A 123 25.46 -17.72 23.00
C VAL A 123 26.86 -17.54 23.59
N GLU A 124 27.88 -17.85 22.81
CA GLU A 124 29.20 -17.29 23.05
C GLU A 124 29.16 -15.88 22.48
N GLN A 125 29.53 -14.89 23.28
CA GLN A 125 29.61 -13.50 22.80
C GLN A 125 31.04 -12.92 22.79
N LEU A 126 31.18 -11.92 21.94
CA LEU A 126 32.47 -11.55 21.40
C LEU A 126 32.98 -10.27 22.02
N GLY A 127 34.30 -10.13 22.10
CA GLY A 127 34.93 -8.91 22.57
C GLY A 127 35.05 -7.92 21.42
N ILE A 128 34.57 -6.70 21.65
CA ILE A 128 34.76 -5.60 20.71
C ILE A 128 35.98 -4.81 21.16
N PRO A 129 37.10 -4.96 20.42
CA PRO A 129 38.27 -4.16 20.77
C PRO A 129 37.95 -2.72 20.42
N GLU A 130 38.22 -1.78 21.34
CA GLU A 130 38.27 -0.37 20.96
C GLU A 130 39.28 -0.27 19.84
N GLN A 131 38.91 0.47 18.81
CA GLN A 131 39.90 0.94 17.86
C GLN A 131 39.60 2.32 17.32
N GLU A 132 40.59 2.85 16.64
CA GLU A 132 40.44 4.11 15.92
C GLU A 132 40.19 3.78 14.47
N TYR A 133 39.38 4.60 13.82
CA TYR A 133 39.00 4.38 12.43
C TYR A 133 39.64 5.39 11.50
N SER A 134 39.97 4.95 10.29
CA SER A 134 40.55 5.82 9.30
C SER A 134 39.60 6.96 8.84
N CYS A 135 38.31 6.62 8.67
CA CYS A 135 37.30 7.58 8.24
C CYS A 135 36.03 7.38 9.06
N VAL A 136 35.47 8.48 9.53
CA VAL A 136 34.16 8.44 10.22
C VAL A 136 33.31 9.51 9.55
N VAL A 137 32.21 9.04 8.96
CA VAL A 137 31.27 9.87 8.27
C VAL A 137 30.01 9.93 9.10
N LYS A 138 29.53 11.12 9.38
CA LYS A 138 28.18 11.32 9.90
C LYS A 138 27.34 11.97 8.81
N MET A 139 26.11 11.46 8.60
CA MET A 139 25.26 11.90 7.51
C MET A 139 23.77 11.58 7.83
N PRO A 140 22.84 12.19 7.09
CA PRO A 140 21.43 11.95 7.36
C PRO A 140 21.07 10.47 7.10
N SER A 141 20.38 9.89 8.06
CA SER A 141 20.05 8.45 8.02
C SER A 141 19.16 8.12 6.82
N GLY A 142 18.23 9.01 6.50
CA GLY A 142 17.33 8.80 5.36
C GLY A 142 18.08 8.80 4.05
N GLU A 143 19.10 9.66 3.95
CA GLU A 143 19.88 9.69 2.75
C GLU A 143 20.71 8.41 2.59
N PHE A 144 21.35 7.95 3.65
CA PHE A 144 22.07 6.68 3.62
C PHE A 144 21.12 5.50 3.22
N ALA A 145 19.94 5.49 3.78
CA ALA A 145 18.96 4.41 3.47
C ALA A 145 18.59 4.46 1.97
N ARG A 146 18.45 5.68 1.43
CA ARG A 146 18.03 5.83 0.05
C ARG A 146 19.13 5.36 -0.87
N ILE A 147 20.35 5.73 -0.55
CA ILE A 147 21.51 5.33 -1.29
C ILE A 147 21.65 3.81 -1.33
N CYS A 148 21.58 3.13 -0.19
CA CYS A 148 21.73 1.69 -0.18
C CYS A 148 20.59 1.00 -0.93
N ARG A 149 19.39 1.54 -0.80
CA ARG A 149 18.25 0.98 -1.50
C ARG A 149 18.42 1.11 -3.01
N ASP A 150 18.74 2.31 -3.47
CA ASP A 150 18.91 2.55 -4.91
C ASP A 150 20.01 1.70 -5.52
N LEU A 151 21.19 1.69 -4.89
CA LEU A 151 22.31 0.96 -5.43
C LEU A 151 22.10 -0.54 -5.44
N SER A 152 21.30 -1.06 -4.52
CA SER A 152 20.98 -2.49 -4.52
C SER A 152 20.17 -2.91 -5.74
N HIS A 153 19.55 -1.96 -6.43
CA HIS A 153 18.87 -2.27 -7.69
C HIS A 153 19.81 -2.27 -8.86
N ILE A 154 21.05 -1.83 -8.63
CA ILE A 154 22.09 -1.84 -9.65
C ILE A 154 22.99 -3.05 -9.47
N GLY A 155 23.43 -3.34 -8.25
CA GLY A 155 24.38 -4.43 -8.01
C GLY A 155 24.23 -4.93 -6.60
N ASP A 156 24.94 -6.00 -6.24
CA ASP A 156 24.83 -6.51 -4.87
C ASP A 156 25.93 -6.07 -3.91
N ALA A 157 26.98 -5.43 -4.43
CA ALA A 157 28.04 -4.89 -3.59
C ALA A 157 28.20 -3.37 -3.77
N VAL A 158 28.51 -2.67 -2.67
CA VAL A 158 28.81 -1.22 -2.76
C VAL A 158 30.27 -0.98 -2.37
N VAL A 159 30.95 -0.15 -3.16
CA VAL A 159 32.29 0.35 -2.81
C VAL A 159 32.13 1.72 -2.17
N ILE A 160 32.58 1.85 -0.94
CA ILE A 160 32.46 3.08 -0.21
C ILE A 160 33.85 3.71 -0.11
N SER A 161 33.95 4.95 -0.56
CA SER A 161 35.20 5.73 -0.36
C SER A 161 34.91 7.15 0.13
N CYS A 162 35.97 7.77 0.61
CA CYS A 162 35.93 9.15 1.12
C CYS A 162 36.88 10.08 0.32
N ALA A 163 36.36 11.13 -0.33
CA ALA A 163 37.19 12.26 -0.82
C ALA A 163 37.16 13.39 0.22
N LYS A 164 38.03 14.39 0.06
CA LYS A 164 38.18 15.35 1.14
C LYS A 164 36.96 16.24 1.27
N ASP A 165 36.15 16.32 0.20
CA ASP A 165 34.96 17.15 0.20
C ASP A 165 33.67 16.32 0.14
N GLY A 166 33.77 15.01 0.34
CA GLY A 166 32.58 14.14 0.26
C GLY A 166 32.81 12.65 0.38
N VAL A 167 31.71 11.89 0.43
CA VAL A 167 31.76 10.41 0.45
C VAL A 167 31.08 9.86 -0.78
N LYS A 168 31.69 8.83 -1.35
CA LYS A 168 31.22 8.26 -2.59
C LYS A 168 30.78 6.78 -2.39
N PHE A 169 29.74 6.41 -3.11
CA PHE A 169 29.19 5.04 -3.04
C PHE A 169 29.03 4.58 -4.48
N SER A 170 29.60 3.44 -4.83
CA SER A 170 29.40 2.90 -6.18
C SER A 170 29.05 1.41 -6.24
N ALA A 171 28.34 1.04 -7.31
CA ALA A 171 27.89 -0.35 -7.53
C ALA A 171 27.81 -0.66 -9.01
N SER A 172 27.88 -1.94 -9.33
CA SER A 172 28.04 -2.41 -10.68
C SER A 172 27.25 -3.71 -10.85
N GLY A 173 26.56 -3.87 -11.97
CA GLY A 173 25.81 -5.10 -12.23
C GLY A 173 25.36 -5.26 -13.67
N GLU A 174 24.41 -6.17 -13.89
CA GLU A 174 24.01 -6.56 -15.25
C GLU A 174 23.59 -5.37 -16.12
N LEU A 175 22.88 -4.42 -15.53
CA LEU A 175 22.38 -3.32 -16.35
C LEU A 175 23.36 -2.17 -16.55
N GLY A 176 24.47 -2.19 -15.82
CA GLY A 176 25.44 -1.12 -15.89
C GLY A 176 25.95 -0.77 -14.52
N ASN A 177 26.33 0.49 -14.32
CA ASN A 177 26.87 0.89 -13.02
C ASN A 177 26.35 2.25 -12.55
N GLY A 178 26.44 2.46 -11.24
CA GLY A 178 26.12 3.75 -10.66
C GLY A 178 27.16 4.24 -9.66
N ASN A 179 27.28 5.57 -9.56
CA ASN A 179 28.12 6.21 -8.54
C ASN A 179 27.49 7.44 -7.94
N ILE A 180 27.46 7.49 -6.63
CA ILE A 180 26.79 8.56 -5.94
C ILE A 180 27.87 9.28 -5.13
N LYS A 181 27.95 10.60 -5.30
CA LYS A 181 28.78 11.43 -4.44
C LYS A 181 27.93 12.38 -3.59
N LEU A 182 28.06 12.23 -2.29
CA LEU A 182 27.51 13.17 -1.36
C LEU A 182 28.57 14.13 -0.90
N SER A 183 28.40 15.39 -1.26
CA SER A 183 29.39 16.43 -0.92
C SER A 183 28.98 17.23 0.29
N GLN A 184 29.99 17.77 0.97
CA GLN A 184 29.73 18.55 2.16
C GLN A 184 29.30 19.95 1.74
N THR A 185 28.47 20.56 2.56
CA THR A 185 28.13 21.93 2.38
C THR A 185 27.68 22.56 3.69
N SER A 186 28.00 23.82 3.86
CA SER A 186 27.51 24.56 4.99
C SER A 186 26.06 24.99 4.77
N ASN A 187 25.56 24.99 3.54
CA ASN A 187 24.20 25.43 3.31
C ASN A 187 23.19 24.32 3.68
N VAL A 188 23.00 24.16 4.99
CA VAL A 188 22.01 23.28 5.54
C VAL A 188 21.19 24.10 6.53
N ASP A 189 19.92 23.77 6.65
CA ASP A 189 19.07 24.34 7.71
C ASP A 189 19.44 23.77 9.08
N LYS A 190 19.31 22.45 9.18
CA LYS A 190 19.42 21.71 10.42
C LYS A 190 20.78 21.02 10.49
N GLU A 191 21.41 21.03 11.66
CA GLU A 191 22.57 20.18 11.91
C GLU A 191 22.47 18.74 11.38
N GLU A 192 21.31 18.11 11.59
CA GLU A 192 21.07 16.73 11.18
C GLU A 192 21.24 16.54 9.68
N GLU A 193 21.17 17.63 8.91
CA GLU A 193 21.44 17.59 7.48
C GLU A 193 22.92 17.55 7.12
N ALA A 194 23.79 17.88 8.08
CA ALA A 194 25.22 18.04 7.78
C ALA A 194 25.90 16.72 7.43
N VAL A 195 26.81 16.75 6.46
CA VAL A 195 27.69 15.66 6.22
C VAL A 195 29.04 16.02 6.87
N THR A 196 29.49 15.20 7.81
CA THR A 196 30.71 15.43 8.56
C THR A 196 31.65 14.26 8.30
N ILE A 197 32.90 14.57 7.96
CA ILE A 197 33.88 13.59 7.58
C ILE A 197 35.15 13.86 8.37
N GLU A 198 35.49 12.90 9.24
CA GLU A 198 36.76 12.96 9.97
C GLU A 198 37.62 11.91 9.34
N MET A 199 38.70 12.34 8.69
CA MET A 199 39.50 11.44 7.91
C MET A 199 40.97 11.50 8.34
N ASN A 200 41.49 10.37 8.80
CA ASN A 200 42.91 10.20 9.08
C ASN A 200 43.65 9.75 7.83
N GLU A 201 43.10 8.78 7.13
CA GLU A 201 43.56 8.46 5.78
CA GLU A 201 43.56 8.46 5.78
C GLU A 201 42.42 7.91 4.94
N PRO A 202 42.54 8.08 3.61
CA PRO A 202 41.43 7.63 2.76
C PRO A 202 41.22 6.14 2.85
N VAL A 203 40.00 5.70 2.61
CA VAL A 203 39.71 4.27 2.63
C VAL A 203 38.87 3.95 1.41
N GLN A 204 38.98 2.72 0.94
CA GLN A 204 38.06 2.22 -0.04
C GLN A 204 37.73 0.76 0.28
N LEU A 205 36.46 0.50 0.53
CA LEU A 205 36.05 -0.82 0.99
C LEU A 205 34.79 -1.22 0.28
N THR A 206 34.59 -2.53 0.21
CA THR A 206 33.45 -3.13 -0.42
C THR A 206 32.60 -3.92 0.57
N PHE A 207 31.28 -3.74 0.50
CA PHE A 207 30.32 -4.35 1.44
C PHE A 207 29.07 -4.87 0.73
N ALA A 208 28.45 -5.91 1.29
CA ALA A 208 27.22 -6.46 0.75
C ALA A 208 26.04 -5.54 1.04
N LEU A 209 25.42 -5.05 -0.04
CA LEU A 209 24.27 -4.13 0.10
C LEU A 209 23.05 -4.77 0.78
N ARG A 210 22.92 -6.07 0.71
CA ARG A 210 21.78 -6.74 1.35
C ARG A 210 21.82 -6.52 2.86
N TYR A 211 23.02 -6.58 3.44
CA TYR A 211 23.17 -6.40 4.89
C TYR A 211 22.95 -4.96 5.28
N LEU A 212 23.49 -4.03 4.49
CA LEU A 212 23.23 -2.61 4.74
C LEU A 212 21.74 -2.29 4.75
N ASN A 213 20.99 -2.94 3.86
CA ASN A 213 19.55 -2.73 3.81
C ASN A 213 18.77 -3.35 5.00
N PHE A 214 19.32 -4.35 5.66
CA PHE A 214 18.85 -4.75 6.98
C PHE A 214 19.15 -3.67 8.01
N PHE A 215 20.38 -3.15 8.03
CA PHE A 215 20.76 -2.13 9.03
C PHE A 215 19.90 -0.87 9.00
N THR A 216 19.54 -0.43 7.79
CA THR A 216 18.77 0.77 7.66
C THR A 216 17.28 0.63 8.11
N LYS A 217 16.90 -0.55 8.60
CA LYS A 217 15.65 -0.67 9.32
C LYS A 217 15.66 0.09 10.64
N ALA A 218 16.85 0.50 11.10
CA ALA A 218 16.99 1.35 12.26
C ALA A 218 16.77 2.83 12.01
N THR A 219 16.59 3.21 10.74
CA THR A 219 16.44 4.62 10.34
C THR A 219 15.45 5.43 11.17
N PRO A 220 14.28 4.84 11.55
CA PRO A 220 13.35 5.59 12.39
C PRO A 220 13.88 6.01 13.76
N LEU A 221 14.96 5.40 14.22
CA LEU A 221 15.45 5.68 15.55
C LEU A 221 16.23 7.00 15.61
N SER A 222 16.76 7.44 14.47
CA SER A 222 17.62 8.62 14.45
C SER A 222 17.61 9.29 13.09
N SER A 223 17.73 10.60 13.11
CA SER A 223 17.87 11.39 11.92
C SER A 223 19.25 11.28 11.28
N THR A 224 20.20 10.78 12.02
CA THR A 224 21.56 10.70 11.53
C THR A 224 22.12 9.32 11.76
N VAL A 225 23.12 8.98 10.95
CA VAL A 225 23.81 7.73 11.07
C VAL A 225 25.30 7.99 10.94
N THR A 226 26.11 7.23 11.67
CA THR A 226 27.58 7.33 11.56
C THR A 226 28.20 6.05 10.97
N LEU A 227 29.00 6.21 9.91
CA LEU A 227 29.79 5.14 9.32
C LEU A 227 31.26 5.24 9.72
N SER A 228 31.79 4.18 10.34
CA SER A 228 33.19 4.12 10.77
C SER A 228 33.93 3.01 10.03
N MET A 229 35.01 3.37 9.37
CA MET A 229 35.66 2.52 8.40
C MET A 229 37.19 2.51 8.55
N SER A 230 37.78 1.31 8.47
CA SER A 230 39.24 1.18 8.29
C SER A 230 39.49 0.06 7.32
N ALA A 231 40.68 0.02 6.74
CA ALA A 231 41.06 -1.12 5.91
C ALA A 231 41.02 -2.42 6.70
N ASP A 232 40.56 -3.48 6.05
CA ASP A 232 40.59 -4.83 6.61
C ASP A 232 39.89 -5.01 7.95
N VAL A 233 38.92 -4.17 8.30
CA VAL A 233 38.12 -4.39 9.50
C VAL A 233 36.61 -4.14 9.23
N PRO A 234 35.75 -4.59 10.15
CA PRO A 234 34.32 -4.41 9.83
C PRO A 234 33.93 -2.93 9.78
N LEU A 235 33.01 -2.59 8.89
CA LEU A 235 32.30 -1.32 8.95
C LEU A 235 31.43 -1.28 10.21
N VAL A 236 31.34 -0.13 10.87
CA VAL A 236 30.37 0.12 11.94
C VAL A 236 29.34 1.14 11.50
N VAL A 237 28.07 0.76 11.53
CA VAL A 237 26.96 1.63 11.22
C VAL A 237 26.19 1.87 12.53
N GLU A 238 26.19 3.13 13.00
CA GLU A 238 25.68 3.45 14.34
C GLU A 238 24.52 4.42 14.32
N TYR A 239 23.45 4.04 15.00
CA TYR A 239 22.27 4.87 15.21
C TYR A 239 22.12 5.18 16.69
N LYS A 240 22.19 6.46 17.04
CA LYS A 240 21.92 6.90 18.41
C LYS A 240 20.45 6.80 18.75
N ILE A 241 20.17 6.33 19.95
CA ILE A 241 18.80 6.31 20.48
C ILE A 241 18.78 7.35 21.60
N ALA A 242 18.38 8.57 21.25
CA ALA A 242 18.70 9.75 22.09
C ALA A 242 18.23 9.53 23.53
N ASP A 243 19.08 9.92 24.48
CA ASP A 243 18.83 9.74 25.92
C ASP A 243 19.00 8.31 26.46
N MET A 244 19.29 7.36 25.59
CA MET A 244 19.24 5.96 25.99
C MET A 244 20.47 5.19 25.64
N GLY A 245 21.03 5.42 24.47
CA GLY A 245 22.14 4.59 24.02
C GLY A 245 22.19 4.51 22.52
N HIS A 246 22.23 3.30 21.99
CA HIS A 246 22.53 3.13 20.57
C HIS A 246 22.27 1.73 20.06
N LEU A 247 22.18 1.64 18.74
CA LEU A 247 22.21 0.39 18.04
C LEU A 247 23.35 0.50 17.05
N LYS A 248 24.32 -0.40 17.18
CA LYS A 248 25.48 -0.46 16.28
C LYS A 248 25.47 -1.75 15.52
N TYR A 249 25.64 -1.66 14.21
CA TYR A 249 25.82 -2.82 13.36
C TYR A 249 27.26 -2.87 12.83
N TYR A 250 27.84 -4.07 12.87
CA TYR A 250 29.16 -4.34 12.31
C TYR A 250 29.02 -5.26 11.11
N LEU A 251 29.69 -4.93 10.01
CA LEU A 251 29.62 -5.74 8.80
C LEU A 251 31.01 -6.07 8.32
N ALA A 252 31.30 -7.37 8.20
CA ALA A 252 32.56 -7.81 7.63
C ALA A 252 32.65 -7.39 6.16
N PRO A 253 33.81 -6.87 5.74
CA PRO A 253 33.97 -6.49 4.36
C PRO A 253 34.11 -7.69 3.42
N LYS A 254 33.94 -7.44 2.13
CA LYS A 254 34.29 -8.37 1.09
C LYS A 254 35.70 -8.06 0.62
N ILE A 255 36.45 -9.09 0.21
CA ILE A 255 37.60 -8.91 -0.69
C ILE A 255 37.22 -9.08 -2.16
N LYS B 4 35.21 -12.56 -2.21
CA LYS B 4 34.83 -13.44 -1.07
C LYS B 4 34.36 -12.63 0.14
N GLN B 5 33.22 -13.03 0.69
CA GLN B 5 32.68 -12.42 1.90
C GLN B 5 33.40 -12.98 3.11
N HIS B 6 34.01 -12.10 3.90
CA HIS B 6 34.73 -12.53 5.10
C HIS B 6 33.74 -12.87 6.21
N ASP B 7 34.23 -13.61 7.19
CA ASP B 7 33.46 -14.01 8.35
C ASP B 7 33.70 -13.00 9.46
N ILE B 8 32.63 -12.64 10.17
CA ILE B 8 32.69 -11.62 11.24
C ILE B 8 33.50 -12.09 12.46
N ARG B 9 33.63 -13.40 12.64
CA ARG B 9 34.43 -13.96 13.74
C ARG B 9 35.94 -13.91 13.46
N SER B 10 36.32 -13.67 12.21
CA SER B 10 37.71 -13.41 11.87
C SER B 10 38.25 -12.12 12.50
N PHE B 11 37.36 -11.27 13.01
CA PHE B 11 37.74 -9.92 13.46
C PHE B 11 37.58 -9.69 14.95
N PHE B 12 36.78 -10.52 15.62
CA PHE B 12 36.52 -10.35 17.05
C PHE B 12 36.74 -11.65 17.79
N VAL B 13 37.18 -11.55 19.04
CA VAL B 13 37.61 -12.70 19.84
C VAL B 13 37.12 -12.55 21.28
N MET C 1 -42.26 -2.11 -11.05
CA MET C 1 -40.87 -1.69 -10.77
C MET C 1 -40.52 -1.70 -9.28
N PHE C 2 -39.26 -2.07 -8.99
CA PHE C 2 -38.56 -1.68 -7.74
C PHE C 2 -37.56 -0.60 -8.07
N GLU C 3 -37.56 0.49 -7.30
CA GLU C 3 -36.59 1.59 -7.45
C GLU C 3 -36.27 2.26 -6.13
N ALA C 4 -34.99 2.25 -5.78
CA ALA C 4 -34.55 2.82 -4.52
C ALA C 4 -33.34 3.74 -4.79
N ARG C 5 -33.53 5.03 -4.51
CA ARG C 5 -32.48 6.05 -4.70
C ARG C 5 -31.84 6.38 -3.36
N LEU C 6 -30.51 6.28 -3.30
CA LEU C 6 -29.76 6.55 -2.09
C LEU C 6 -28.69 7.63 -2.33
N VAL C 7 -28.94 8.81 -1.82
CA VAL C 7 -27.99 9.93 -1.99
C VAL C 7 -26.62 9.66 -1.35
N GLN C 8 -26.62 9.05 -0.19
CA GLN C 8 -25.38 8.55 0.41
C GLN C 8 -25.12 7.12 -0.14
N GLY C 9 -24.71 7.04 -1.40
CA GLY C 9 -24.41 5.76 -2.04
C GLY C 9 -23.30 4.97 -1.42
N SER C 10 -22.35 5.66 -0.80
CA SER C 10 -21.25 4.98 -0.17
C SER C 10 -21.74 3.97 0.87
N ILE C 11 -22.93 4.17 1.42
CA ILE C 11 -23.51 3.20 2.32
C ILE C 11 -23.52 1.82 1.67
N LEU C 12 -23.98 1.78 0.43
CA LEU C 12 -24.12 0.48 -0.28
C LEU C 12 -22.77 -0.11 -0.64
N LYS C 13 -21.85 0.74 -1.04
CA LYS C 13 -20.45 0.31 -1.20
C LYS C 13 -19.90 -0.32 0.08
N LYS C 14 -20.12 0.33 1.22
CA LYS C 14 -19.64 -0.18 2.50
C LYS C 14 -20.32 -1.48 2.92
N VAL C 15 -21.60 -1.61 2.59
CA VAL C 15 -22.31 -2.85 2.91
C VAL C 15 -21.72 -4.02 2.13
N LEU C 16 -21.56 -3.87 0.82
CA LEU C 16 -20.96 -4.93 0.05
C LEU C 16 -19.56 -5.31 0.48
N GLU C 17 -18.73 -4.32 0.80
CA GLU C 17 -17.39 -4.61 1.27
CA GLU C 17 -17.38 -4.59 1.27
C GLU C 17 -17.45 -5.35 2.61
N ALA C 18 -18.48 -5.10 3.41
CA ALA C 18 -18.68 -5.83 4.67
C ALA C 18 -19.15 -7.28 4.52
N LEU C 19 -19.71 -7.62 3.37
CA LEU C 19 -20.40 -8.91 3.19
C LEU C 19 -19.60 -9.86 2.29
N LYS C 20 -19.01 -9.33 1.23
CA LYS C 20 -18.61 -10.17 0.09
C LYS C 20 -17.52 -11.18 0.37
N ASP C 21 -16.66 -10.94 1.36
CA ASP C 21 -15.63 -11.94 1.72
C ASP C 21 -16.18 -13.04 2.61
N LEU C 22 -17.23 -12.75 3.37
CA LEU C 22 -17.84 -13.70 4.28
C LEU C 22 -18.90 -14.56 3.58
N ILE C 23 -19.66 -13.94 2.70
CA ILE C 23 -20.78 -14.58 2.00
C ILE C 23 -20.53 -14.41 0.50
N ASN C 24 -20.58 -15.48 -0.27
CA ASN C 24 -20.38 -15.35 -1.72
C ASN C 24 -21.66 -14.98 -2.47
N GLU C 25 -22.77 -15.55 -2.04
CA GLU C 25 -24.04 -15.33 -2.71
C GLU C 25 -25.17 -15.28 -1.70
N ALA C 26 -26.18 -14.45 -1.96
CA ALA C 26 -27.27 -14.30 -1.02
C ALA C 26 -28.50 -13.75 -1.71
N CYS C 27 -29.63 -13.90 -1.03
CA CYS C 27 -30.90 -13.39 -1.50
CA CYS C 27 -30.91 -13.38 -1.52
C CYS C 27 -31.17 -12.00 -0.92
N TRP C 28 -31.45 -11.02 -1.78
CA TRP C 28 -31.89 -9.75 -1.35
C TRP C 28 -33.41 -9.68 -1.40
N ASP C 29 -34.04 -9.63 -0.23
CA ASP C 29 -35.51 -9.61 -0.11
C ASP C 29 -36.00 -8.18 -0.12
N ILE C 30 -36.78 -7.86 -1.14
CA ILE C 30 -37.23 -6.51 -1.40
C ILE C 30 -38.73 -6.50 -1.16
N SER C 31 -39.19 -5.57 -0.33
CA SER C 31 -40.60 -5.32 -0.13
C SER C 31 -40.83 -3.85 0.03
N SER C 32 -42.10 -3.49 0.24
CA SER C 32 -42.43 -2.08 0.48
C SER C 32 -41.76 -1.51 1.74
N SER C 33 -41.49 -2.36 2.71
CA SER C 33 -40.89 -1.88 3.93
C SER C 33 -39.36 -1.67 3.84
N GLY C 34 -38.73 -2.18 2.79
CA GLY C 34 -37.29 -2.01 2.57
C GLY C 34 -36.56 -3.26 2.08
N VAL C 35 -35.26 -3.26 2.31
CA VAL C 35 -34.37 -4.34 1.86
C VAL C 35 -33.88 -5.14 3.07
N ASN C 36 -34.04 -6.46 2.98
CA ASN C 36 -33.61 -7.40 4.00
C ASN C 36 -32.74 -8.45 3.34
N LEU C 37 -31.69 -8.89 4.03
CA LEU C 37 -30.86 -9.96 3.56
C LEU C 37 -30.46 -10.76 4.78
N GLN C 38 -30.53 -12.09 4.67
CA GLN C 38 -30.04 -12.96 5.71
C GLN C 38 -29.28 -14.10 5.03
N SER C 39 -28.13 -14.48 5.56
CA SER C 39 -27.38 -15.60 4.99
C SER C 39 -26.40 -16.16 6.00
N MET C 40 -26.15 -17.46 5.87
CA MET C 40 -25.06 -18.14 6.62
C MET C 40 -23.80 -18.17 5.77
N ASP C 41 -22.64 -18.15 6.41
CA ASP C 41 -21.42 -18.46 5.71
C ASP C 41 -21.39 -19.97 5.35
N SER C 42 -20.47 -20.35 4.46
CA SER C 42 -20.40 -21.72 3.91
C SER C 42 -20.05 -22.78 4.94
N SER C 43 -19.36 -22.39 6.00
CA SER C 43 -19.00 -23.34 7.05
C SER C 43 -20.03 -23.39 8.15
N HIS C 44 -21.10 -22.63 8.01
CA HIS C 44 -22.22 -22.67 8.96
C HIS C 44 -21.82 -22.38 10.37
N VAL C 45 -20.89 -21.41 10.52
CA VAL C 45 -20.44 -20.96 11.84
C VAL C 45 -21.07 -19.59 12.19
N SER C 46 -21.43 -18.81 11.17
CA SER C 46 -21.96 -17.49 11.39
C SER C 46 -23.17 -17.22 10.51
N LEU C 47 -23.92 -16.21 10.92
CA LEU C 47 -25.05 -15.72 10.14
C LEU C 47 -25.00 -14.19 10.12
N VAL C 48 -25.37 -13.61 8.97
CA VAL C 48 -25.42 -12.18 8.79
C VAL C 48 -26.84 -11.77 8.48
N GLN C 49 -27.29 -10.71 9.13
CA GLN C 49 -28.59 -10.09 8.84
C GLN C 49 -28.45 -8.59 8.54
N LEU C 50 -28.91 -8.18 7.35
CA LEU C 50 -28.88 -6.79 6.91
C LEU C 50 -30.30 -6.25 6.90
N THR C 51 -30.48 -5.02 7.39
CA THR C 51 -31.77 -4.34 7.19
C THR C 51 -31.51 -2.95 6.66
N LEU C 52 -32.16 -2.59 5.55
CA LEU C 52 -32.19 -1.19 5.07
C LEU C 52 -33.65 -0.72 4.85
N ARG C 53 -34.17 0.09 5.77
CA ARG C 53 -35.60 0.45 5.73
CA ARG C 53 -35.59 0.45 5.74
C ARG C 53 -35.91 1.42 4.61
N SER C 54 -37.15 1.32 4.08
CA SER C 54 -37.56 2.17 2.97
C SER C 54 -37.44 3.68 3.27
N GLU C 55 -37.76 4.06 4.50
CA GLU C 55 -37.68 5.44 4.95
C GLU C 55 -36.25 6.04 5.03
N GLY C 56 -35.23 5.21 5.00
CA GLY C 56 -33.83 5.64 4.90
C GLY C 56 -33.38 6.04 3.50
N PHE C 57 -34.14 5.65 2.49
CA PHE C 57 -33.81 6.03 1.14
C PHE C 57 -34.38 7.39 0.82
N ASP C 58 -33.77 8.06 -0.15
CA ASP C 58 -34.33 9.34 -0.66
C ASP C 58 -35.61 9.23 -1.48
N THR C 59 -35.68 8.21 -2.32
CA THR C 59 -36.97 7.71 -2.84
C THR C 59 -36.99 6.20 -2.80
N TYR C 60 -38.18 5.63 -2.68
CA TYR C 60 -38.29 4.19 -2.59
C TYR C 60 -39.64 3.78 -3.17
N ARG C 61 -39.60 2.85 -4.11
CA ARG C 61 -40.83 2.28 -4.67
C ARG C 61 -40.60 0.79 -4.83
N CYS C 62 -41.53 -0.01 -4.32
CA CYS C 62 -41.54 -1.41 -4.58
C CYS C 62 -42.96 -1.95 -4.89
N ASP C 63 -43.19 -2.26 -6.16
CA ASP C 63 -44.51 -2.67 -6.64
C ASP C 63 -44.80 -4.13 -6.37
N ARG C 64 -43.77 -4.97 -6.43
CA ARG C 64 -43.98 -6.36 -6.03
C ARG C 64 -42.79 -6.89 -5.25
N ASN C 65 -43.08 -7.79 -4.32
CA ASN C 65 -42.02 -8.32 -3.46
C ASN C 65 -41.08 -9.17 -4.31
N LEU C 66 -39.76 -9.00 -4.12
CA LEU C 66 -38.77 -9.78 -4.85
C LEU C 66 -37.80 -10.52 -3.94
N ALA C 67 -37.24 -11.61 -4.45
CA ALA C 67 -36.13 -12.33 -3.83
C ALA C 67 -35.02 -12.42 -4.88
N MET C 68 -34.10 -11.47 -4.89
CA MET C 68 -33.12 -11.44 -5.96
C MET C 68 -31.89 -12.20 -5.51
N GLY C 69 -31.55 -13.25 -6.22
CA GLY C 69 -30.33 -14.01 -5.95
C GLY C 69 -29.08 -13.33 -6.53
N VAL C 70 -28.14 -12.97 -5.68
CA VAL C 70 -27.03 -12.10 -6.09
C VAL C 70 -25.69 -12.74 -5.75
N ASN C 71 -24.80 -12.79 -6.73
CA ASN C 71 -23.42 -13.12 -6.47
C ASN C 71 -22.77 -11.85 -5.89
N LEU C 72 -22.40 -11.90 -4.61
CA LEU C 72 -21.95 -10.69 -3.91
C LEU C 72 -20.61 -10.19 -4.42
N THR C 73 -19.79 -11.11 -4.90
CA THR C 73 -18.52 -10.78 -5.56
C THR C 73 -18.75 -9.95 -6.79
N SER C 74 -19.74 -10.33 -7.57
CA SER C 74 -20.13 -9.58 -8.75
C SER C 74 -20.70 -8.20 -8.40
N MET C 75 -21.52 -8.14 -7.37
CA MET C 75 -22.14 -6.88 -6.99
C MET C 75 -21.07 -5.93 -6.39
N SER C 76 -20.13 -6.49 -5.64
CA SER C 76 -18.99 -5.72 -5.14
C SER C 76 -18.19 -5.08 -6.26
N LYS C 77 -17.87 -5.87 -7.28
CA LYS C 77 -17.12 -5.38 -8.43
C LYS C 77 -17.80 -4.22 -9.09
N ILE C 78 -19.12 -4.30 -9.21
CA ILE C 78 -19.91 -3.22 -9.74
C ILE C 78 -19.92 -2.00 -8.84
N LEU C 79 -20.14 -2.19 -7.53
CA LEU C 79 -20.15 -1.06 -6.62
C LEU C 79 -18.80 -0.39 -6.45
N LYS C 80 -17.72 -1.10 -6.77
CA LYS C 80 -16.38 -0.44 -6.80
C LYS C 80 -16.24 0.51 -7.97
N CYS C 81 -17.15 0.44 -8.94
CA CYS C 81 -17.17 1.42 -10.01
C CYS C 81 -17.89 2.72 -9.66
N ALA C 82 -18.48 2.78 -8.46
CA ALA C 82 -19.09 3.99 -7.98
C ALA C 82 -18.04 4.80 -7.20
N GLY C 83 -18.03 6.11 -7.42
CA GLY C 83 -17.27 7.02 -6.55
C GLY C 83 -17.92 7.12 -5.18
N ASN C 84 -17.13 7.47 -4.20
CA ASN C 84 -17.62 7.53 -2.81
C ASN C 84 -18.70 8.58 -2.58
N GLU C 85 -18.74 9.61 -3.41
CA GLU C 85 -19.74 10.67 -3.30
C GLU C 85 -20.93 10.46 -4.23
N ASP C 86 -20.99 9.30 -4.91
CA ASP C 86 -22.07 9.06 -5.87
C ASP C 86 -23.45 8.90 -5.20
N ILE C 87 -24.46 9.37 -5.90
CA ILE C 87 -25.85 8.94 -5.66
C ILE C 87 -26.08 7.63 -6.39
N ILE C 88 -26.59 6.63 -5.68
CA ILE C 88 -26.75 5.32 -6.23
C ILE C 88 -28.23 4.92 -6.22
N THR C 89 -28.70 4.48 -7.37
CA THR C 89 -30.07 3.98 -7.53
C THR C 89 -30.04 2.50 -7.90
N LEU C 90 -30.83 1.73 -7.18
CA LEU C 90 -31.07 0.33 -7.53
C LEU C 90 -32.43 0.20 -8.17
N ARG C 91 -32.52 -0.62 -9.22
CA ARG C 91 -33.73 -0.66 -10.01
C ARG C 91 -33.93 -2.04 -10.61
N ALA C 92 -35.16 -2.55 -10.53
CA ALA C 92 -35.50 -3.79 -11.18
C ALA C 92 -36.93 -3.74 -11.71
N GLU C 93 -37.03 -4.00 -13.01
CA GLU C 93 -38.29 -3.95 -13.73
C GLU C 93 -39.00 -5.26 -13.42
N ASP C 94 -40.31 -5.19 -13.23
CA ASP C 94 -41.06 -6.26 -12.54
C ASP C 94 -40.70 -7.69 -12.97
N ASN C 95 -40.56 -7.92 -14.27
CA ASN C 95 -40.38 -9.26 -14.82
C ASN C 95 -38.96 -9.59 -15.27
N ALA C 96 -38.03 -8.66 -15.05
CA ALA C 96 -36.65 -8.81 -15.53
C ALA C 96 -35.89 -9.78 -14.63
N ASP C 97 -34.80 -10.33 -15.15
CA ASP C 97 -33.94 -11.22 -14.39
C ASP C 97 -32.60 -10.56 -14.11
N THR C 98 -32.56 -9.23 -14.10
CA THR C 98 -31.34 -8.47 -13.77
C THR C 98 -31.62 -7.37 -12.73
N LEU C 99 -30.57 -6.88 -12.09
CA LEU C 99 -30.69 -5.74 -11.21
C LEU C 99 -29.88 -4.61 -11.86
N ALA C 100 -30.50 -3.43 -12.02
CA ALA C 100 -29.78 -2.29 -12.56
C ALA C 100 -29.25 -1.43 -11.40
N LEU C 101 -28.01 -0.94 -11.55
CA LEU C 101 -27.43 0.03 -10.62
C LEU C 101 -26.98 1.30 -11.37
N VAL C 102 -27.48 2.46 -10.95
CA VAL C 102 -27.18 3.73 -11.59
C VAL C 102 -26.36 4.59 -10.63
N PHE C 103 -25.24 5.09 -11.10
CA PHE C 103 -24.35 5.92 -10.25
C PHE C 103 -24.26 7.33 -10.84
N GLU C 104 -24.77 8.32 -10.11
CA GLU C 104 -24.66 9.73 -10.54
C GLU C 104 -23.58 10.42 -9.74
N ALA C 105 -22.57 10.92 -10.44
CA ALA C 105 -21.57 11.78 -9.82
C ALA C 105 -22.18 13.18 -9.56
N PRO C 106 -22.20 13.63 -8.28
CA PRO C 106 -23.00 14.83 -8.01
C PRO C 106 -22.32 16.13 -8.47
N ASN C 107 -21.00 16.14 -8.47
CA ASN C 107 -20.25 17.32 -8.88
C ASN C 107 -19.55 17.08 -10.22
N GLN C 108 -20.18 16.28 -11.07
CA GLN C 108 -19.63 15.98 -12.38
C GLN C 108 -20.75 15.49 -13.30
N GLU C 109 -20.64 15.70 -14.61
CA GLU C 109 -21.71 15.30 -15.56
C GLU C 109 -21.43 13.88 -16.07
N LYS C 110 -21.41 12.92 -15.17
CA LYS C 110 -21.03 11.53 -15.44
C LYS C 110 -22.16 10.69 -14.85
N VAL C 111 -22.72 9.82 -15.67
CA VAL C 111 -23.74 8.88 -15.22
C VAL C 111 -23.38 7.49 -15.70
N SER C 112 -23.39 6.53 -14.77
CA SER C 112 -23.04 5.13 -15.10
C SER C 112 -24.27 4.25 -14.85
N ASP C 113 -24.55 3.34 -15.77
CA ASP C 113 -25.60 2.34 -15.60
CA ASP C 113 -25.62 2.34 -15.60
C ASP C 113 -25.00 0.95 -15.75
N TYR C 114 -25.17 0.11 -14.72
CA TYR C 114 -24.69 -1.26 -14.73
C TYR C 114 -25.90 -2.19 -14.62
N GLU C 115 -25.84 -3.29 -15.34
CA GLU C 115 -26.87 -4.31 -15.27
C GLU C 115 -26.23 -5.61 -14.83
N MET C 116 -26.64 -6.07 -13.65
CA MET C 116 -26.06 -7.24 -13.04
C MET C 116 -27.01 -8.45 -13.22
N LYS C 117 -26.44 -9.53 -13.69
CA LYS C 117 -27.16 -10.78 -13.88
C LYS C 117 -27.42 -11.39 -12.52
N LEU C 118 -28.63 -11.90 -12.33
CA LEU C 118 -29.05 -12.51 -11.08
C LEU C 118 -28.90 -14.03 -11.18
N MET C 119 -29.05 -14.72 -10.07
CA MET C 119 -28.95 -16.17 -10.05
C MET C 119 -30.10 -16.79 -9.27
N ASP C 120 -30.36 -18.06 -9.52
CA ASP C 120 -31.39 -18.79 -8.79
C ASP C 120 -30.79 -19.37 -7.50
N LEU C 121 -31.35 -18.95 -6.37
CA LEU C 121 -30.91 -19.42 -5.08
C LEU C 121 -32.06 -20.06 -4.34
N ASP C 122 -31.84 -21.24 -3.77
CA ASP C 122 -32.78 -21.80 -2.80
C ASP C 122 -32.17 -21.63 -1.43
N VAL C 123 -32.61 -20.58 -0.74
CA VAL C 123 -32.13 -20.26 0.59
C VAL C 123 -33.24 -20.54 1.61
N GLU C 124 -32.98 -21.43 2.56
CA GLU C 124 -33.88 -21.60 3.71
C GLU C 124 -33.57 -20.52 4.75
N GLN C 125 -34.58 -19.73 5.12
CA GLN C 125 -34.37 -18.59 6.02
C GLN C 125 -34.67 -18.98 7.48
N LEU C 126 -33.81 -18.56 8.41
CA LEU C 126 -33.83 -19.11 9.77
C LEU C 126 -34.55 -18.16 10.71
N GLY C 127 -35.20 -18.72 11.73
CA GLY C 127 -35.86 -17.94 12.76
C GLY C 127 -34.86 -17.53 13.81
N ILE C 128 -34.83 -16.23 14.12
CA ILE C 128 -34.02 -15.71 15.20
C ILE C 128 -34.91 -15.71 16.45
N PRO C 129 -34.62 -16.57 17.45
CA PRO C 129 -35.51 -16.70 18.62
C PRO C 129 -35.48 -15.64 19.69
N GLU C 130 -36.36 -15.86 20.67
CA GLU C 130 -36.44 -15.04 21.86
C GLU C 130 -35.12 -15.19 22.60
N GLN C 131 -34.45 -14.08 22.88
CA GLN C 131 -33.15 -14.14 23.59
C GLN C 131 -32.89 -12.83 24.33
N GLU C 132 -32.78 -12.87 25.66
CA GLU C 132 -32.32 -11.71 26.42
C GLU C 132 -30.86 -11.94 26.75
N TYR C 133 -30.07 -10.88 26.69
CA TYR C 133 -28.63 -11.00 26.78
C TYR C 133 -28.14 -10.65 28.17
N SER C 134 -27.15 -11.39 28.64
CA SER C 134 -26.54 -11.13 29.93
C SER C 134 -25.74 -9.81 29.94
N CYS C 135 -25.02 -9.55 28.85
CA CYS C 135 -24.19 -8.35 28.73
C CYS C 135 -24.36 -7.76 27.35
N VAL C 136 -24.47 -6.43 27.31
CA VAL C 136 -24.41 -5.69 26.06
C VAL C 136 -23.39 -4.56 26.20
N VAL C 137 -22.38 -4.60 25.33
CA VAL C 137 -21.28 -3.67 25.37
C VAL C 137 -21.37 -2.84 24.14
N LYS C 138 -21.31 -1.51 24.32
CA LYS C 138 -21.14 -0.61 23.22
C LYS C 138 -19.75 0.01 23.32
N MET C 139 -19.03 0.04 22.20
CA MET C 139 -17.65 0.48 22.17
C MET C 139 -17.27 0.97 20.79
N PRO C 140 -16.15 1.72 20.66
CA PRO C 140 -15.78 2.22 19.36
C PRO C 140 -15.46 1.08 18.42
N SER C 141 -15.95 1.16 17.19
CA SER C 141 -15.80 0.11 16.22
C SER C 141 -14.33 -0.09 15.83
N GLY C 142 -13.58 1.01 15.73
CA GLY C 142 -12.18 0.96 15.38
C GLY C 142 -11.34 0.28 16.44
N GLU C 143 -11.68 0.54 17.69
CA GLU C 143 -10.99 -0.14 18.76
C GLU C 143 -11.27 -1.65 18.75
N PHE C 144 -12.53 -2.05 18.56
CA PHE C 144 -12.84 -3.48 18.42
C PHE C 144 -12.10 -4.13 17.26
N ALA C 145 -12.03 -3.46 16.11
CA ALA C 145 -11.30 -4.00 14.98
C ALA C 145 -9.81 -4.19 15.30
N ARG C 146 -9.24 -3.21 15.99
CA ARG C 146 -7.80 -3.28 16.32
C ARG C 146 -7.52 -4.43 17.27
N ILE C 147 -8.34 -4.54 18.29
CA ILE C 147 -8.24 -5.62 19.23
C ILE C 147 -8.29 -6.98 18.54
N CYS C 148 -9.31 -7.25 17.70
CA CYS C 148 -9.40 -8.53 17.05
C CYS C 148 -8.24 -8.80 16.10
N ARG C 149 -7.76 -7.78 15.40
CA ARG C 149 -6.58 -7.95 14.57
CA ARG C 149 -6.55 -7.95 14.57
C ARG C 149 -5.33 -8.30 15.42
N ASP C 150 -5.07 -7.52 16.46
CA ASP C 150 -3.85 -7.73 17.29
C ASP C 150 -3.85 -9.11 17.94
N LEU C 151 -4.97 -9.48 18.56
CA LEU C 151 -5.01 -10.78 19.24
C LEU C 151 -4.89 -11.95 18.32
N SER C 152 -5.29 -11.77 17.06
CA SER C 152 -5.20 -12.88 16.08
C SER C 152 -3.75 -13.16 15.71
N HIS C 153 -2.84 -12.27 16.07
CA HIS C 153 -1.41 -12.57 15.96
C HIS C 153 -0.85 -13.32 17.17
N ILE C 154 -1.63 -13.40 18.25
CA ILE C 154 -1.26 -14.13 19.45
C ILE C 154 -1.88 -15.54 19.47
N GLY C 155 -3.17 -15.64 19.14
CA GLY C 155 -3.85 -16.94 19.16
C GLY C 155 -5.01 -16.96 18.18
N ASP C 156 -5.67 -18.09 18.03
CA ASP C 156 -6.81 -18.14 17.08
C ASP C 156 -8.17 -18.02 17.73
N ALA C 157 -8.21 -18.05 19.05
CA ALA C 157 -9.44 -17.88 19.80
C ALA C 157 -9.33 -16.69 20.75
N VAL C 158 -10.41 -15.90 20.86
CA VAL C 158 -10.49 -14.88 21.91
C VAL C 158 -11.49 -15.29 22.98
N VAL C 159 -11.11 -15.11 24.24
CA VAL C 159 -12.05 -15.13 25.35
C VAL C 159 -12.52 -13.70 25.64
N ILE C 160 -13.83 -13.50 25.55
CA ILE C 160 -14.41 -12.21 25.84
C ILE C 160 -15.07 -12.31 27.20
N SER C 161 -14.62 -11.47 28.12
CA SER C 161 -15.11 -11.48 29.49
CA SER C 161 -15.10 -11.47 29.50
C SER C 161 -15.67 -10.11 29.78
N CYS C 162 -16.91 -10.05 30.20
CA CYS C 162 -17.54 -8.81 30.52
C CYS C 162 -17.99 -8.78 31.97
N ALA C 163 -17.72 -7.64 32.60
CA ALA C 163 -18.11 -7.34 33.96
C ALA C 163 -18.60 -5.88 34.01
N LYS C 164 -19.05 -5.46 35.19
CA LYS C 164 -19.66 -4.14 35.38
C LYS C 164 -18.70 -3.00 35.06
N ASP C 165 -17.43 -3.19 35.32
CA ASP C 165 -16.46 -2.10 35.17
C ASP C 165 -15.80 -2.06 33.79
N GLY C 166 -15.91 -3.15 33.04
CA GLY C 166 -15.11 -3.26 31.81
C GLY C 166 -15.34 -4.52 31.02
N VAL C 167 -14.82 -4.49 29.80
CA VAL C 167 -14.77 -5.68 28.96
C VAL C 167 -13.32 -6.06 28.67
N LYS C 168 -13.08 -7.37 28.67
CA LYS C 168 -11.73 -7.89 28.56
C LYS C 168 -11.68 -8.88 27.41
N PHE C 169 -10.61 -8.82 26.65
CA PHE C 169 -10.39 -9.70 25.52
C PHE C 169 -9.07 -10.40 25.73
N SER C 170 -9.04 -11.71 25.68
CA SER C 170 -7.76 -12.41 25.88
C SER C 170 -7.53 -13.55 24.90
N ALA C 171 -6.28 -13.82 24.62
CA ALA C 171 -5.91 -14.88 23.68
C ALA C 171 -4.62 -15.49 24.15
N SER C 172 -4.41 -16.72 23.70
CA SER C 172 -3.30 -17.51 24.16
C SER C 172 -2.79 -18.35 22.98
N GLY C 173 -1.47 -18.44 22.83
CA GLY C 173 -0.91 -19.25 21.76
C GLY C 173 0.54 -19.60 21.99
N GLU C 174 1.19 -20.10 20.95
CA GLU C 174 2.55 -20.61 21.04
C GLU C 174 3.53 -19.60 21.67
N LEU C 175 3.40 -18.33 21.34
CA LEU C 175 4.39 -17.38 21.82
C LEU C 175 4.12 -16.87 23.24
N GLY C 176 2.94 -17.16 23.77
CA GLY C 176 2.53 -16.62 25.04
C GLY C 176 1.10 -16.13 24.97
N ASN C 177 0.76 -15.18 25.82
CA ASN C 177 -0.63 -14.74 25.89
C ASN C 177 -0.77 -13.24 26.00
N GLY C 178 -1.98 -12.76 25.69
CA GLY C 178 -2.29 -11.34 25.78
C GLY C 178 -3.68 -11.12 26.35
N ASN C 179 -3.81 -10.03 27.11
CA ASN C 179 -5.14 -9.62 27.55
CA ASN C 179 -5.07 -9.60 27.65
C ASN C 179 -5.29 -8.12 27.51
N ILE C 180 -6.41 -7.73 26.97
CA ILE C 180 -6.70 -6.35 26.75
C ILE C 180 -7.94 -5.99 27.55
N LYS C 181 -7.83 -4.99 28.40
CA LYS C 181 -8.98 -4.51 29.17
C LYS C 181 -9.37 -3.12 28.78
N LEU C 182 -10.64 -2.98 28.44
CA LEU C 182 -11.25 -1.68 28.18
C LEU C 182 -12.25 -1.34 29.29
N SER C 183 -12.00 -0.25 30.01
CA SER C 183 -12.86 0.13 31.12
C SER C 183 -14.05 0.91 30.61
N GLN C 184 -15.14 0.86 31.37
CA GLN C 184 -16.28 1.69 31.11
C GLN C 184 -15.92 3.16 31.27
N THR C 185 -16.25 3.98 30.28
CA THR C 185 -15.93 5.40 30.34
C THR C 185 -17.01 6.08 31.18
N SER C 186 -16.63 7.04 32.01
CA SER C 186 -17.60 7.67 32.92
C SER C 186 -18.42 8.62 32.07
N ASN C 187 -17.73 9.58 31.46
CA ASN C 187 -18.33 10.46 30.45
C ASN C 187 -18.29 9.77 29.09
N VAL C 188 -19.35 9.97 28.31
CA VAL C 188 -19.65 9.13 27.16
C VAL C 188 -20.14 10.09 26.06
N ASP C 189 -20.79 9.53 25.04
CA ASP C 189 -21.56 10.32 24.05
C ASP C 189 -20.61 10.73 22.92
N LYS C 190 -19.30 10.64 23.15
CA LYS C 190 -18.33 10.55 22.07
C LYS C 190 -18.23 9.06 21.65
N GLU C 191 -19.11 8.69 20.72
CA GLU C 191 -19.15 7.37 20.06
C GLU C 191 -17.75 6.77 19.73
N GLU C 192 -16.86 7.62 19.25
CA GLU C 192 -15.49 7.24 18.92
C GLU C 192 -14.62 6.80 20.10
N GLU C 193 -15.01 7.13 21.33
CA GLU C 193 -14.31 6.64 22.53
C GLU C 193 -15.19 5.99 23.63
N ALA C 194 -16.49 6.25 23.64
CA ALA C 194 -17.33 5.76 24.72
C ALA C 194 -17.34 4.23 24.84
N VAL C 195 -17.15 3.70 26.05
CA VAL C 195 -17.45 2.31 26.36
C VAL C 195 -18.53 2.22 27.42
N THR C 196 -19.62 1.52 27.08
CA THR C 196 -20.84 1.45 27.89
C THR C 196 -21.22 -0.01 28.02
N ILE C 197 -21.55 -0.42 29.23
CA ILE C 197 -21.85 -1.79 29.53
C ILE C 197 -23.20 -1.86 30.25
N GLU C 198 -24.13 -2.64 29.69
CA GLU C 198 -25.35 -3.01 30.41
C GLU C 198 -25.30 -4.49 30.77
N MET C 199 -25.28 -4.78 32.07
CA MET C 199 -24.95 -6.11 32.52
C MET C 199 -25.99 -6.65 33.51
N ASN C 200 -26.59 -7.78 33.15
CA ASN C 200 -27.45 -8.52 34.06
CA ASN C 200 -27.45 -8.54 34.05
C ASN C 200 -26.60 -9.47 34.91
N GLU C 201 -25.73 -10.23 34.24
CA GLU C 201 -24.73 -11.01 34.94
CA GLU C 201 -24.73 -11.01 34.94
C GLU C 201 -23.46 -11.12 34.10
N PRO C 202 -22.31 -11.29 34.76
CA PRO C 202 -21.07 -11.41 34.01
C PRO C 202 -21.05 -12.61 33.07
N VAL C 203 -20.32 -12.49 31.96
CA VAL C 203 -20.19 -13.59 31.03
C VAL C 203 -18.73 -13.78 30.64
N GLN C 204 -18.38 -15.00 30.29
CA GLN C 204 -17.11 -15.28 29.69
C GLN C 204 -17.29 -16.33 28.59
N LEU C 205 -16.95 -15.96 27.36
CA LEU C 205 -17.17 -16.83 26.21
C LEU C 205 -15.99 -16.82 25.28
N THR C 206 -15.85 -17.88 24.50
CA THR C 206 -14.76 -18.04 23.56
C THR C 206 -15.23 -18.07 22.12
N PHE C 207 -14.54 -17.33 21.26
CA PHE C 207 -14.94 -17.19 19.83
C PHE C 207 -13.72 -17.29 18.91
N ALA C 208 -13.94 -17.68 17.67
CA ALA C 208 -12.88 -17.77 16.67
C ALA C 208 -12.58 -16.37 16.10
N LEU C 209 -11.35 -15.92 16.32
CA LEU C 209 -10.92 -14.62 15.85
C LEU C 209 -11.00 -14.43 14.34
N ARG C 210 -10.80 -15.49 13.58
N ARG C 210 -10.78 -15.50 13.58
CA ARG C 210 -10.86 -15.41 12.13
CA ARG C 210 -10.85 -15.40 12.12
C ARG C 210 -12.23 -14.90 11.61
C ARG C 210 -12.23 -14.88 11.61
N TYR C 211 -13.31 -15.32 12.26
CA TYR C 211 -14.65 -14.81 11.93
C TYR C 211 -14.86 -13.35 12.36
N LEU C 212 -14.44 -13.02 13.57
CA LEU C 212 -14.51 -11.64 14.02
C LEU C 212 -13.82 -10.72 13.02
N ASN C 213 -12.69 -11.16 12.48
CA ASN C 213 -11.94 -10.32 11.55
C ASN C 213 -12.59 -10.19 10.16
N PHE C 214 -13.50 -11.10 9.80
CA PHE C 214 -14.46 -10.80 8.73
C PHE C 214 -15.50 -9.75 9.13
N PHE C 215 -16.06 -9.85 10.35
CA PHE C 215 -17.13 -8.96 10.77
C PHE C 215 -16.66 -7.50 10.76
N THR C 216 -15.40 -7.27 11.15
CA THR C 216 -14.93 -5.90 11.30
C THR C 216 -14.66 -5.23 9.96
N LYS C 217 -14.87 -5.93 8.86
CA LYS C 217 -14.99 -5.27 7.56
C LYS C 217 -16.16 -4.27 7.50
N ALA C 218 -17.11 -4.37 8.44
CA ALA C 218 -18.23 -3.43 8.57
C ALA C 218 -17.87 -2.11 9.25
N THR C 219 -16.65 -2.02 9.79
CA THR C 219 -16.25 -0.87 10.60
C THR C 219 -16.59 0.46 9.98
N PRO C 220 -16.38 0.62 8.68
CA PRO C 220 -16.69 1.94 8.09
C PRO C 220 -18.16 2.37 8.16
N LEU C 221 -19.05 1.43 8.46
CA LEU C 221 -20.47 1.79 8.54
C LEU C 221 -20.84 2.58 9.78
N SER C 222 -20.06 2.45 10.83
CA SER C 222 -20.42 3.05 12.12
C SER C 222 -19.18 3.27 12.99
N SER C 223 -19.21 4.36 13.75
CA SER C 223 -18.16 4.67 14.73
C SER C 223 -18.22 3.75 15.94
N THR C 224 -19.36 3.09 16.14
CA THR C 224 -19.54 2.27 17.31
C THR C 224 -20.03 0.89 16.90
N VAL C 225 -19.76 -0.09 17.75
CA VAL C 225 -20.22 -1.46 17.56
C VAL C 225 -20.81 -1.91 18.87
N THR C 226 -21.84 -2.75 18.82
CA THR C 226 -22.45 -3.34 20.00
C THR C 226 -22.31 -4.89 20.02
N LEU C 227 -21.77 -5.41 21.13
CA LEU C 227 -21.59 -6.84 21.36
C LEU C 227 -22.61 -7.32 22.38
N SER C 228 -23.41 -8.32 22.00
CA SER C 228 -24.44 -8.86 22.86
C SER C 228 -24.13 -10.32 23.13
N MET C 229 -24.13 -10.70 24.41
CA MET C 229 -23.56 -11.96 24.82
C MET C 229 -24.39 -12.62 25.91
N SER C 230 -24.61 -13.93 25.80
CA SER C 230 -25.09 -14.75 26.90
C SER C 230 -24.41 -16.10 26.84
N ALA C 231 -24.44 -16.81 27.95
CA ALA C 231 -23.81 -18.14 28.01
C ALA C 231 -24.48 -19.04 26.97
N ASP C 232 -23.67 -19.87 26.32
CA ASP C 232 -24.17 -20.90 25.41
C ASP C 232 -25.01 -20.44 24.22
N VAL C 233 -24.90 -19.18 23.81
CA VAL C 233 -25.64 -18.73 22.64
C VAL C 233 -24.74 -17.87 21.75
N PRO C 234 -25.17 -17.61 20.49
CA PRO C 234 -24.24 -16.89 19.62
C PRO C 234 -23.97 -15.46 20.08
N LEU C 235 -22.75 -14.98 19.85
CA LEU C 235 -22.44 -13.55 20.03
C LEU C 235 -23.14 -12.78 18.90
N VAL C 236 -23.70 -11.62 19.22
CA VAL C 236 -24.20 -10.71 18.20
C VAL C 236 -23.30 -9.48 18.10
N VAL C 237 -22.78 -9.22 16.91
CA VAL C 237 -21.93 -8.06 16.66
C VAL C 237 -22.72 -7.14 15.71
N GLU C 238 -23.16 -5.99 16.21
CA GLU C 238 -24.08 -5.14 15.49
C GLU C 238 -23.49 -3.79 15.11
N TYR C 239 -23.60 -3.46 13.84
CA TYR C 239 -23.21 -2.15 13.32
C TYR C 239 -24.47 -1.42 12.85
N LYS C 240 -24.81 -0.31 13.48
CA LYS C 240 -25.89 0.55 13.01
C LYS C 240 -25.53 1.22 11.71
N ILE C 241 -26.49 1.27 10.82
CA ILE C 241 -26.36 2.03 9.61
C ILE C 241 -27.31 3.19 9.77
N ALA C 242 -26.78 4.35 10.15
CA ALA C 242 -27.63 5.45 10.64
C ALA C 242 -28.69 5.78 9.60
N ASP C 243 -29.91 6.06 10.04
CA ASP C 243 -31.08 6.36 9.16
C ASP C 243 -31.70 5.16 8.50
N MET C 244 -31.03 4.02 8.55
CA MET C 244 -31.42 2.95 7.66
C MET C 244 -31.69 1.61 8.31
N GLY C 245 -30.92 1.26 9.33
CA GLY C 245 -31.09 -0.08 9.90
C GLY C 245 -29.78 -0.57 10.47
N HIS C 246 -29.34 -1.76 10.05
CA HIS C 246 -28.20 -2.38 10.70
C HIS C 246 -27.65 -3.53 9.91
N LEU C 247 -26.42 -3.88 10.23
CA LEU C 247 -25.84 -5.12 9.84
C LEU C 247 -25.46 -5.85 11.13
N LYS C 248 -26.03 -7.05 11.33
CA LYS C 248 -25.79 -7.85 12.55
C LYS C 248 -25.14 -9.15 12.16
N TYR C 249 -24.03 -9.50 12.83
CA TYR C 249 -23.37 -10.75 12.65
C TYR C 249 -23.56 -11.61 13.92
N TYR C 250 -23.95 -12.86 13.71
CA TYR C 250 -24.09 -13.85 14.77
C TYR C 250 -23.00 -14.89 14.63
N LEU C 251 -22.31 -15.18 15.72
CA LEU C 251 -21.19 -16.12 15.69
C LEU C 251 -21.39 -17.16 16.77
N ALA C 252 -21.45 -18.42 16.36
CA ALA C 252 -21.55 -19.51 17.29
C ALA C 252 -20.28 -19.58 18.15
N PRO C 253 -20.44 -19.78 19.46
CA PRO C 253 -19.28 -19.87 20.31
C PRO C 253 -18.52 -21.18 20.13
N LYS C 254 -17.30 -21.21 20.62
CA LYS C 254 -16.59 -22.47 20.82
C LYS C 254 -17.04 -22.96 22.21
N ILE C 255 -17.48 -24.22 22.29
CA ILE C 255 -18.00 -24.78 23.56
C ILE C 255 -16.93 -25.44 24.43
N GLU D 3 -11.63 -26.47 22.97
CA GLU D 3 -13.09 -26.19 22.76
C GLU D 3 -13.44 -26.36 21.28
N LYS D 4 -14.64 -26.87 21.02
CA LYS D 4 -15.08 -27.14 19.66
C LYS D 4 -16.02 -26.04 19.14
N GLN D 5 -15.90 -25.75 17.84
CA GLN D 5 -16.77 -24.81 17.16
C GLN D 5 -18.16 -25.40 16.95
N HIS D 6 -19.17 -24.73 17.50
CA HIS D 6 -20.56 -25.14 17.30
C HIS D 6 -21.15 -24.59 15.99
N ASP D 7 -22.09 -25.33 15.42
CA ASP D 7 -22.80 -24.96 14.20
C ASP D 7 -23.92 -23.95 14.51
N ILE D 8 -24.10 -22.96 13.62
CA ILE D 8 -25.06 -21.88 13.86
C ILE D 8 -26.53 -22.34 13.79
N ARG D 9 -26.82 -23.31 12.94
CA ARG D 9 -28.18 -23.86 12.87
C ARG D 9 -28.68 -24.48 14.19
N SER D 10 -27.76 -25.02 14.99
CA SER D 10 -28.09 -25.46 16.36
C SER D 10 -28.95 -24.43 17.12
N PHE D 11 -28.67 -23.15 16.90
CA PHE D 11 -29.26 -22.08 17.69
C PHE D 11 -30.46 -21.41 17.00
N PHE D 12 -30.60 -21.61 15.70
CA PHE D 12 -31.72 -21.05 14.96
C PHE D 12 -32.70 -22.10 14.45
N VAL D 13 -32.19 -23.15 13.78
CA VAL D 13 -33.05 -24.17 13.16
C VAL D 13 -33.76 -25.00 14.23
N MET E 1 29.48 14.67 -29.11
CA MET E 1 28.65 14.45 -27.93
C MET E 1 27.15 14.72 -28.21
N PHE E 2 26.31 13.95 -27.53
CA PHE E 2 24.92 14.32 -27.24
C PHE E 2 24.82 14.67 -25.76
N GLU E 3 24.18 15.80 -25.45
CA GLU E 3 23.95 16.19 -24.08
C GLU E 3 22.65 16.98 -23.98
N ALA E 4 21.75 16.51 -23.11
CA ALA E 4 20.50 17.19 -22.86
C ALA E 4 20.27 17.31 -21.35
N ARG E 5 20.15 18.55 -20.87
CA ARG E 5 19.92 18.84 -19.47
C ARG E 5 18.47 19.25 -19.27
N LEU E 6 17.80 18.56 -18.35
CA LEU E 6 16.38 18.79 -18.08
C LEU E 6 16.17 19.12 -16.61
N VAL E 7 15.85 20.38 -16.32
CA VAL E 7 15.66 20.80 -14.92
C VAL E 7 14.48 20.06 -14.28
N GLN E 8 13.41 19.87 -15.06
CA GLN E 8 12.25 19.13 -14.59
C GLN E 8 12.47 17.66 -14.93
N GLY E 9 13.40 17.04 -14.23
CA GLY E 9 13.74 15.65 -14.50
C GLY E 9 12.59 14.66 -14.35
N SER E 10 11.64 14.98 -13.49
CA SER E 10 10.53 14.10 -13.24
C SER E 10 9.77 13.81 -14.54
N ILE E 11 9.89 14.70 -15.54
CA ILE E 11 9.32 14.44 -16.83
C ILE E 11 9.82 13.11 -17.38
N LEU E 12 11.12 12.87 -17.29
CA LEU E 12 11.71 11.66 -17.82
C LEU E 12 11.37 10.45 -17.02
N LYS E 13 11.29 10.60 -15.71
CA LYS E 13 10.78 9.55 -14.84
C LYS E 13 9.37 9.13 -15.30
N LYS E 14 8.51 10.12 -15.53
CA LYS E 14 7.12 9.85 -15.87
C LYS E 14 7.02 9.22 -17.23
N VAL E 15 7.88 9.65 -18.16
CA VAL E 15 7.88 9.09 -19.52
C VAL E 15 8.26 7.60 -19.52
N LEU E 16 9.28 7.26 -18.77
CA LEU E 16 9.61 5.85 -18.66
C LEU E 16 8.55 4.99 -17.98
N GLU E 17 7.92 5.52 -16.94
CA GLU E 17 6.86 4.80 -16.28
C GLU E 17 5.68 4.61 -17.24
N ALA E 18 5.52 5.54 -18.18
CA ALA E 18 4.45 5.48 -19.16
C ALA E 18 4.74 4.54 -20.35
N LEU E 19 5.98 4.10 -20.50
CA LEU E 19 6.38 3.24 -21.62
C LEU E 19 6.71 1.79 -21.25
N LYS E 20 7.36 1.61 -20.10
CA LYS E 20 8.09 0.35 -19.86
C LYS E 20 7.21 -0.89 -19.70
N ASP E 21 5.95 -0.72 -19.31
CA ASP E 21 5.06 -1.91 -19.21
C ASP E 21 4.54 -2.34 -20.57
N LEU E 22 4.49 -1.41 -21.50
CA LEU E 22 3.96 -1.66 -22.85
C LEU E 22 5.03 -2.11 -23.83
N ILE E 23 6.20 -1.52 -23.70
CA ILE E 23 7.28 -1.71 -24.66
C ILE E 23 8.52 -2.14 -23.84
N ASN E 24 9.16 -3.24 -24.21
CA ASN E 24 10.35 -3.70 -23.48
C ASN E 24 11.61 -3.01 -23.94
N GLU E 25 11.73 -2.79 -25.23
CA GLU E 25 12.93 -2.15 -25.80
C GLU E 25 12.56 -1.28 -26.97
N ALA E 26 13.28 -0.17 -27.15
CA ALA E 26 12.99 0.73 -28.24
C ALA E 26 14.22 1.57 -28.60
N CYS E 27 14.14 2.17 -29.78
CA CYS E 27 15.18 3.05 -30.26
CA CYS E 27 15.16 3.07 -30.30
C CYS E 27 14.86 4.48 -29.89
N TRP E 28 15.81 5.15 -29.24
CA TRP E 28 15.70 6.56 -28.99
C TRP E 28 16.46 7.29 -30.09
N ASP E 29 15.71 7.98 -30.96
CA ASP E 29 16.27 8.72 -32.07
C ASP E 29 16.59 10.11 -31.61
N ILE E 30 17.89 10.40 -31.63
CA ILE E 30 18.40 11.69 -31.17
C ILE E 30 18.89 12.47 -32.39
N SER E 31 18.40 13.69 -32.52
CA SER E 31 18.86 14.61 -33.54
C SER E 31 18.84 16.01 -32.97
N SER E 32 19.24 16.97 -33.80
CA SER E 32 19.34 18.37 -33.35
C SER E 32 17.96 18.92 -32.99
N SER E 33 16.92 18.36 -33.58
CA SER E 33 15.58 18.84 -33.29
C SER E 33 14.96 18.24 -32.01
N GLY E 34 15.58 17.20 -31.47
CA GLY E 34 15.15 16.67 -30.18
C GLY E 34 15.16 15.15 -30.14
N VAL E 35 14.36 14.60 -29.23
CA VAL E 35 14.30 13.17 -29.00
C VAL E 35 12.96 12.66 -29.52
N ASN E 36 13.04 11.62 -30.36
CA ASN E 36 11.88 10.94 -30.89
C ASN E 36 12.01 9.46 -30.59
N LEU E 37 10.87 8.81 -30.30
CA LEU E 37 10.84 7.38 -30.11
C LEU E 37 9.52 6.89 -30.67
N GLN E 38 9.59 5.85 -31.49
CA GLN E 38 8.38 5.19 -31.98
C GLN E 38 8.58 3.69 -31.84
N SER E 39 7.56 2.97 -31.36
CA SER E 39 7.69 1.52 -31.21
C SER E 39 6.33 0.85 -31.16
N MET E 40 6.26 -0.36 -31.70
CA MET E 40 5.07 -1.23 -31.59
C MET E 40 5.21 -2.18 -30.43
N ASP E 41 4.10 -2.52 -29.79
CA ASP E 41 4.16 -3.54 -28.75
C ASP E 41 4.36 -4.88 -29.47
N SER E 42 4.69 -5.93 -28.72
CA SER E 42 5.09 -7.22 -29.29
C SER E 42 3.96 -7.97 -29.95
N SER E 43 2.73 -7.70 -29.55
CA SER E 43 1.58 -8.35 -30.20
CA SER E 43 1.58 -8.34 -30.18
C SER E 43 1.05 -7.54 -31.39
N HIS E 44 1.72 -6.43 -31.71
CA HIS E 44 1.38 -5.62 -32.89
C HIS E 44 -0.06 -5.13 -32.90
N VAL E 45 -0.53 -4.74 -31.73
CA VAL E 45 -1.85 -4.17 -31.55
C VAL E 45 -1.76 -2.64 -31.43
N SER E 46 -0.63 -2.14 -30.95
CA SER E 46 -0.55 -0.73 -30.61
C SER E 46 0.78 -0.20 -31.01
N LEU E 47 0.84 1.14 -31.04
CA LEU E 47 2.07 1.84 -31.33
C LEU E 47 2.14 3.06 -30.41
N VAL E 48 3.34 3.35 -29.95
CA VAL E 48 3.56 4.55 -29.15
C VAL E 48 4.53 5.47 -29.87
N GLN E 49 4.24 6.76 -29.81
CA GLN E 49 5.12 7.81 -30.33
C GLN E 49 5.39 8.89 -29.27
N LEU E 50 6.67 9.08 -28.96
CA LEU E 50 7.13 10.11 -28.05
C LEU E 50 7.85 11.22 -28.83
N THR E 51 7.55 12.48 -28.49
CA THR E 51 8.37 13.61 -28.96
C THR E 51 8.78 14.49 -27.80
N LEU E 52 10.09 14.77 -27.69
CA LEU E 52 10.61 15.75 -26.76
C LEU E 52 11.52 16.74 -27.54
N ARG E 53 11.01 17.95 -27.77
CA ARG E 53 11.70 18.91 -28.63
CA ARG E 53 11.67 18.97 -28.62
C ARG E 53 12.90 19.53 -27.93
N SER E 54 13.94 19.80 -28.71
CA SER E 54 15.21 20.34 -28.17
C SER E 54 14.97 21.60 -27.35
N GLU E 55 14.06 22.45 -27.79
CA GLU E 55 13.78 23.73 -27.10
C GLU E 55 13.17 23.57 -25.72
N GLY E 56 12.57 22.41 -25.44
CA GLY E 56 12.05 22.10 -24.11
C GLY E 56 13.12 21.80 -23.06
N PHE E 57 14.33 21.48 -23.50
CA PHE E 57 15.41 21.21 -22.57
C PHE E 57 16.11 22.50 -22.17
N ASP E 58 16.72 22.47 -21.01
CA ASP E 58 17.43 23.65 -20.51
C ASP E 58 18.73 23.91 -21.23
N THR E 59 19.47 22.85 -21.52
CA THR E 59 20.47 22.88 -22.59
C THR E 59 20.34 21.66 -23.45
N TYR E 60 20.76 21.77 -24.70
CA TYR E 60 20.62 20.68 -25.64
C TYR E 60 21.71 20.74 -26.69
N ARG E 61 22.45 19.66 -26.82
CA ARG E 61 23.48 19.59 -27.82
C ARG E 61 23.43 18.22 -28.43
N CYS E 62 23.39 18.18 -29.77
CA CYS E 62 23.51 16.93 -30.49
C CYS E 62 24.41 17.12 -31.72
N ASP E 63 25.65 16.62 -31.63
CA ASP E 63 26.65 16.75 -32.68
C ASP E 63 26.44 15.79 -33.85
N ARG E 64 25.93 14.59 -33.57
CA ARG E 64 25.57 13.67 -34.64
C ARG E 64 24.29 12.92 -34.29
N ASN E 65 23.52 12.55 -35.30
CA ASN E 65 22.30 11.81 -35.10
C ASN E 65 22.59 10.43 -34.55
N LEU E 66 21.85 10.02 -33.51
CA LEU E 66 22.02 8.68 -32.93
C LEU E 66 20.72 7.90 -32.95
N ALA E 67 20.88 6.58 -32.95
CA ALA E 67 19.81 5.66 -32.72
C ALA E 67 20.25 4.77 -31.55
N MET E 68 19.85 5.11 -30.33
CA MET E 68 20.28 4.35 -29.19
C MET E 68 19.24 3.28 -28.88
N GLY E 69 19.65 2.03 -28.96
CA GLY E 69 18.81 0.90 -28.54
C GLY E 69 18.78 0.72 -27.04
N VAL E 70 17.58 0.84 -26.44
CA VAL E 70 17.46 0.88 -24.99
C VAL E 70 16.50 -0.18 -24.49
N ASN E 71 16.91 -0.91 -23.46
CA ASN E 71 15.99 -1.73 -22.69
C ASN E 71 15.22 -0.82 -21.74
N LEU E 72 13.91 -0.66 -21.95
CA LEU E 72 13.15 0.34 -21.21
C LEU E 72 12.97 -0.02 -19.72
N THR E 73 12.92 -1.33 -19.45
CA THR E 73 12.94 -1.85 -18.09
C THR E 73 14.19 -1.43 -17.34
N SER E 74 15.34 -1.54 -17.98
CA SER E 74 16.61 -1.10 -17.40
C SER E 74 16.65 0.41 -17.18
N MET E 75 16.19 1.16 -18.16
CA MET E 75 16.22 2.60 -18.04
C MET E 75 15.25 3.10 -16.95
N SER E 76 14.09 2.42 -16.82
CA SER E 76 13.16 2.68 -15.73
C SER E 76 13.77 2.46 -14.35
N LYS E 77 14.46 1.35 -14.19
CA LYS E 77 15.13 1.05 -12.92
C LYS E 77 16.13 2.13 -12.53
N ILE E 78 16.83 2.63 -13.52
CA ILE E 78 17.82 3.71 -13.30
C ILE E 78 17.09 5.00 -12.96
N LEU E 79 16.05 5.35 -13.69
CA LEU E 79 15.33 6.59 -13.41
C LEU E 79 14.60 6.57 -12.08
N LYS E 80 14.27 5.37 -11.57
CA LYS E 80 13.72 5.29 -10.22
C LYS E 80 14.74 5.68 -9.16
N CYS E 81 16.03 5.72 -9.50
CA CYS E 81 17.04 6.19 -8.56
C CYS E 81 17.17 7.72 -8.51
N ALA E 82 16.41 8.44 -9.35
CA ALA E 82 16.35 9.89 -9.32
C ALA E 82 15.22 10.34 -8.40
N GLY E 83 15.49 11.39 -7.63
CA GLY E 83 14.42 12.06 -6.88
C GLY E 83 13.53 12.87 -7.81
N ASN E 84 12.29 13.10 -7.38
CA ASN E 84 11.30 13.78 -8.21
C ASN E 84 11.69 15.21 -8.55
N GLU E 85 12.48 15.84 -7.70
CA GLU E 85 12.89 17.22 -7.92
C GLU E 85 14.27 17.31 -8.58
N ASP E 86 14.82 16.20 -9.05
CA ASP E 86 16.18 16.17 -9.60
C ASP E 86 16.28 16.83 -10.96
N ILE E 87 17.41 17.46 -11.20
CA ILE E 87 17.83 17.85 -12.53
C ILE E 87 18.50 16.64 -13.17
N ILE E 88 18.07 16.29 -14.38
CA ILE E 88 18.53 15.08 -15.02
C ILE E 88 19.18 15.45 -16.34
N THR E 89 20.39 14.94 -16.54
CA THR E 89 21.13 15.11 -17.78
C THR E 89 21.36 13.76 -18.43
N LEU E 90 21.07 13.72 -19.73
CA LEU E 90 21.38 12.56 -20.54
C LEU E 90 22.58 12.90 -21.40
N ARG E 91 23.51 11.96 -21.50
CA ARG E 91 24.75 12.23 -22.20
CA ARG E 91 24.80 12.22 -22.14
C ARG E 91 25.27 10.98 -22.89
N ALA E 92 25.69 11.16 -24.14
CA ALA E 92 26.36 10.11 -24.86
C ALA E 92 27.52 10.67 -25.69
N GLU E 93 28.71 10.10 -25.46
CA GLU E 93 29.94 10.49 -26.15
C GLU E 93 29.91 9.84 -27.52
N ASP E 94 30.37 10.56 -28.55
CA ASP E 94 30.01 10.24 -29.95
C ASP E 94 30.12 8.76 -30.30
N ASN E 95 31.19 8.11 -29.85
CA ASN E 95 31.52 6.74 -30.28
C ASN E 95 31.28 5.67 -29.21
N ALA E 96 30.71 6.09 -28.08
CA ALA E 96 30.47 5.17 -26.96
C ALA E 96 29.25 4.28 -27.24
N ASP E 97 29.16 3.17 -26.52
CA ASP E 97 28.04 2.25 -26.63
C ASP E 97 27.21 2.25 -25.34
N THR E 98 27.27 3.34 -24.57
CA THR E 98 26.46 3.50 -23.37
C THR E 98 25.76 4.86 -23.32
N LEU E 99 24.71 4.95 -22.50
CA LEU E 99 24.04 6.24 -22.27
C LEU E 99 24.27 6.58 -20.83
N ALA E 100 24.75 7.79 -20.58
CA ALA E 100 25.00 8.23 -19.21
C ALA E 100 23.78 9.04 -18.76
N LEU E 101 23.36 8.81 -17.52
CA LEU E 101 22.37 9.63 -16.86
C LEU E 101 22.96 10.26 -15.59
N VAL E 102 22.86 11.59 -15.48
CA VAL E 102 23.33 12.31 -14.29
C VAL E 102 22.14 12.93 -13.54
N PHE E 103 22.02 12.64 -12.26
CA PHE E 103 20.96 13.19 -11.44
C PHE E 103 21.56 14.17 -10.41
N GLU E 104 21.14 15.43 -10.46
CA GLU E 104 21.54 16.42 -9.46
C GLU E 104 20.36 16.78 -8.55
N ALA E 105 20.50 16.52 -7.27
CA ALA E 105 19.53 16.99 -6.28
C ALA E 105 19.68 18.52 -6.09
N PRO E 106 18.60 19.29 -6.30
CA PRO E 106 18.82 20.76 -6.33
C PRO E 106 18.96 21.40 -4.96
N ASN E 107 18.35 20.81 -3.95
CA ASN E 107 18.43 21.30 -2.59
C ASN E 107 19.28 20.38 -1.71
N GLN E 108 20.25 19.72 -2.34
CA GLN E 108 21.16 18.85 -1.64
C GLN E 108 22.43 18.72 -2.48
N GLU E 109 23.56 18.45 -1.84
CA GLU E 109 24.81 18.29 -2.57
C GLU E 109 25.07 16.81 -2.87
N LYS E 110 24.15 16.21 -3.63
CA LYS E 110 24.17 14.78 -3.99
C LYS E 110 24.14 14.72 -5.51
N VAL E 111 25.07 13.97 -6.08
CA VAL E 111 25.17 13.82 -7.51
C VAL E 111 25.36 12.34 -7.82
N SER E 112 24.52 11.84 -8.72
CA SER E 112 24.54 10.45 -9.11
C SER E 112 24.82 10.36 -10.61
N ASP E 113 25.73 9.48 -10.98
CA ASP E 113 26.01 9.18 -12.39
CA ASP E 113 26.01 9.18 -12.39
C ASP E 113 25.76 7.70 -12.63
N TYR E 114 24.88 7.41 -13.60
CA TYR E 114 24.58 6.04 -14.01
C TYR E 114 24.98 5.87 -15.46
N GLU E 115 25.51 4.69 -15.77
CA GLU E 115 25.88 4.35 -17.13
C GLU E 115 25.11 3.11 -17.55
N MET E 116 24.29 3.26 -18.57
CA MET E 116 23.40 2.21 -19.01
C MET E 116 23.95 1.62 -20.32
N LYS E 117 24.05 0.31 -20.34
CA LYS E 117 24.47 -0.42 -21.51
C LYS E 117 23.34 -0.37 -22.54
N LEU E 118 23.71 -0.12 -23.78
CA LEU E 118 22.76 -0.05 -24.89
C LEU E 118 22.69 -1.40 -25.58
N MET E 119 21.74 -1.56 -26.49
CA MET E 119 21.61 -2.81 -27.23
C MET E 119 21.44 -2.54 -28.72
N ASP E 120 21.72 -3.56 -29.53
CA ASP E 120 21.56 -3.42 -30.98
C ASP E 120 20.13 -3.79 -31.38
N LEU E 121 19.42 -2.82 -31.94
CA LEU E 121 18.04 -3.02 -32.33
C LEU E 121 17.94 -2.74 -33.82
N ASP E 122 17.31 -3.65 -34.55
CA ASP E 122 16.86 -3.36 -35.90
C ASP E 122 15.36 -3.07 -35.82
N VAL E 123 15.03 -1.79 -35.76
CA VAL E 123 13.65 -1.36 -35.74
C VAL E 123 13.34 -0.67 -37.05
N GLU E 124 12.40 -1.24 -37.81
CA GLU E 124 11.92 -0.59 -39.01
C GLU E 124 10.83 0.38 -38.61
N GLN E 125 11.00 1.64 -38.98
CA GLN E 125 10.04 2.63 -38.55
C GLN E 125 8.88 2.57 -39.51
N LEU E 126 7.73 2.98 -39.00
CA LEU E 126 6.48 2.89 -39.69
C LEU E 126 5.96 4.31 -39.79
N GLY E 127 5.46 4.68 -40.97
CA GLY E 127 4.93 6.02 -41.20
C GLY E 127 3.48 6.03 -40.77
N ILE E 128 3.13 6.98 -39.93
CA ILE E 128 1.76 7.25 -39.57
C ILE E 128 1.28 8.32 -40.53
N PRO E 129 0.47 7.92 -41.54
CA PRO E 129 -0.07 8.95 -42.37
C PRO E 129 -0.98 9.80 -41.48
N GLU E 130 -0.69 11.09 -41.41
CA GLU E 130 -1.51 12.04 -40.66
C GLU E 130 -2.90 12.09 -41.26
N GLN E 131 -3.89 12.33 -40.40
CA GLN E 131 -5.27 12.42 -40.86
C GLN E 131 -6.20 13.30 -40.00
N GLU E 132 -7.39 13.49 -40.52
CA GLU E 132 -8.43 14.19 -39.80
C GLU E 132 -9.35 13.14 -39.16
N TYR E 133 -9.82 13.42 -37.95
CA TYR E 133 -10.63 12.48 -37.18
C TYR E 133 -12.11 12.88 -37.15
N SER E 134 -12.98 11.89 -37.14
CA SER E 134 -14.43 12.14 -37.01
C SER E 134 -14.82 12.79 -35.66
N CYS E 135 -14.20 12.33 -34.57
CA CYS E 135 -14.50 12.84 -33.22
C CYS E 135 -13.21 13.01 -32.47
N VAL E 136 -13.07 14.16 -31.79
CA VAL E 136 -11.96 14.38 -30.87
C VAL E 136 -12.53 14.83 -29.53
N VAL E 137 -12.23 14.04 -28.49
CA VAL E 137 -12.75 14.28 -27.17
C VAL E 137 -11.59 14.70 -26.27
N LYS E 138 -11.72 15.84 -25.61
CA LYS E 138 -10.73 16.26 -24.62
C LYS E 138 -11.40 16.19 -23.26
N MET E 139 -10.72 15.58 -22.31
CA MET E 139 -11.29 15.30 -21.02
C MET E 139 -10.17 15.19 -19.98
N PRO E 140 -10.53 15.24 -18.69
CA PRO E 140 -9.54 15.02 -17.62
C PRO E 140 -8.93 13.62 -17.64
N SER E 141 -7.62 13.57 -17.49
CA SER E 141 -6.86 12.35 -17.68
C SER E 141 -7.17 11.35 -16.58
N GLY E 142 -7.40 11.86 -15.37
CA GLY E 142 -7.76 11.01 -14.26
C GLY E 142 -9.14 10.33 -14.50
N GLU E 143 -10.07 11.05 -15.10
CA GLU E 143 -11.40 10.51 -15.35
C GLU E 143 -11.31 9.38 -16.37
N PHE E 144 -10.59 9.62 -17.47
CA PHE E 144 -10.34 8.57 -18.44
C PHE E 144 -9.69 7.32 -17.81
N ALA E 145 -8.67 7.53 -16.98
CA ALA E 145 -8.03 6.39 -16.30
C ALA E 145 -9.02 5.61 -15.43
N ARG E 146 -9.91 6.32 -14.74
CA ARG E 146 -10.85 5.67 -13.82
C ARG E 146 -11.88 4.85 -14.61
N ILE E 147 -12.34 5.42 -15.71
CA ILE E 147 -13.27 4.77 -16.58
C ILE E 147 -12.67 3.47 -17.12
N CYS E 148 -11.46 3.51 -17.65
CA CYS E 148 -10.88 2.32 -18.24
C CYS E 148 -10.60 1.25 -17.16
N ARG E 149 -10.17 1.69 -15.98
CA ARG E 149 -9.98 0.77 -14.87
C ARG E 149 -11.32 0.09 -14.43
N ASP E 150 -12.34 0.88 -14.20
CA ASP E 150 -13.61 0.34 -13.75
C ASP E 150 -14.21 -0.65 -14.77
N LEU E 151 -14.17 -0.29 -16.04
CA LEU E 151 -14.85 -1.13 -17.07
C LEU E 151 -14.09 -2.41 -17.33
N SER E 152 -12.79 -2.38 -17.10
CA SER E 152 -12.00 -3.59 -17.24
C SER E 152 -12.37 -4.66 -16.20
N HIS E 153 -13.06 -4.27 -15.12
CA HIS E 153 -13.56 -5.25 -14.17
C HIS E 153 -14.89 -5.83 -14.61
N ILE E 154 -15.50 -5.24 -15.64
CA ILE E 154 -16.75 -5.73 -16.23
C ILE E 154 -16.51 -6.59 -17.46
N GLY E 155 -15.63 -6.15 -18.36
CA GLY E 155 -15.37 -6.88 -19.61
C GLY E 155 -13.99 -6.56 -20.12
N ASP E 156 -13.57 -7.21 -21.18
CA ASP E 156 -12.23 -6.92 -21.69
CA ASP E 156 -12.25 -7.04 -21.79
C ASP E 156 -12.25 -5.97 -22.89
N ALA E 157 -13.42 -5.68 -23.44
CA ALA E 157 -13.54 -4.72 -24.54
C ALA E 157 -14.44 -3.54 -24.19
N VAL E 158 -14.06 -2.33 -24.61
CA VAL E 158 -14.89 -1.13 -24.43
C VAL E 158 -15.40 -0.62 -25.79
N VAL E 159 -16.71 -0.39 -25.88
CA VAL E 159 -17.28 0.30 -27.02
C VAL E 159 -17.29 1.78 -26.66
N ILE E 160 -16.64 2.58 -27.47
CA ILE E 160 -16.62 4.01 -27.30
C ILE E 160 -17.54 4.61 -28.38
N SER E 161 -18.60 5.28 -27.93
CA SER E 161 -19.58 5.87 -28.78
CA SER E 161 -19.61 5.86 -28.78
C SER E 161 -19.61 7.37 -28.55
N CYS E 162 -19.29 8.14 -29.58
CA CYS E 162 -19.23 9.58 -29.45
C CYS E 162 -20.25 10.28 -30.36
N ALA E 163 -20.94 11.25 -29.77
CA ALA E 163 -21.93 12.07 -30.46
C ALA E 163 -21.62 13.53 -30.11
N LYS E 164 -22.42 14.48 -30.61
CA LYS E 164 -22.24 15.92 -30.31
C LYS E 164 -22.15 16.24 -28.81
N ASP E 165 -23.05 15.62 -28.06
CA ASP E 165 -23.32 16.10 -26.69
C ASP E 165 -22.73 15.23 -25.58
N GLY E 166 -22.18 14.10 -25.96
CA GLY E 166 -21.53 13.24 -24.99
C GLY E 166 -20.81 12.06 -25.57
N VAL E 167 -19.97 11.49 -24.73
CA VAL E 167 -19.22 10.29 -25.07
C VAL E 167 -19.67 9.20 -24.12
N LYS E 168 -19.84 8.00 -24.68
CA LYS E 168 -20.26 6.85 -23.91
C LYS E 168 -19.29 5.67 -24.04
N PHE E 169 -19.02 5.03 -22.90
CA PHE E 169 -18.06 3.95 -22.80
C PHE E 169 -18.82 2.77 -22.24
N SER E 170 -18.87 1.68 -22.99
CA SER E 170 -19.60 0.51 -22.48
C SER E 170 -18.84 -0.80 -22.62
N ALA E 171 -19.13 -1.72 -21.72
CA ALA E 171 -18.46 -3.00 -21.66
C ALA E 171 -19.44 -4.05 -21.18
N SER E 172 -19.11 -5.29 -21.51
CA SER E 172 -20.01 -6.40 -21.32
C SER E 172 -19.20 -7.65 -21.01
N GLY E 173 -19.66 -8.45 -20.05
CA GLY E 173 -18.95 -9.66 -19.69
C GLY E 173 -19.80 -10.63 -18.90
N GLU E 174 -19.14 -11.55 -18.23
CA GLU E 174 -19.83 -12.64 -17.53
C GLU E 174 -20.81 -12.13 -16.46
N LEU E 175 -20.47 -11.07 -15.74
CA LEU E 175 -21.32 -10.64 -14.65
C LEU E 175 -22.45 -9.71 -15.08
N GLY E 176 -22.40 -9.24 -16.33
CA GLY E 176 -23.38 -8.30 -16.80
C GLY E 176 -22.71 -7.22 -17.65
N ASN E 177 -23.30 -6.04 -17.69
CA ASN E 177 -22.75 -4.97 -18.49
C ASN E 177 -22.81 -3.63 -17.79
N GLY E 178 -21.99 -2.71 -18.29
CA GLY E 178 -21.93 -1.35 -17.76
C GLY E 178 -21.78 -0.31 -18.87
N ASN E 179 -22.38 0.85 -18.66
CA ASN E 179 -22.14 1.99 -19.53
C ASN E 179 -21.96 3.27 -18.73
N ILE E 180 -20.93 4.00 -19.11
CA ILE E 180 -20.63 5.28 -18.54
C ILE E 180 -20.80 6.39 -19.58
N LYS E 181 -21.65 7.34 -19.25
CA LYS E 181 -21.94 8.47 -20.15
C LYS E 181 -21.35 9.76 -19.55
N LEU E 182 -20.40 10.35 -20.27
CA LEU E 182 -19.85 11.66 -19.92
C LEU E 182 -20.46 12.72 -20.86
N SER E 183 -21.11 13.72 -20.31
CA SER E 183 -21.68 14.78 -21.12
C SER E 183 -20.64 15.86 -21.34
N GLN E 184 -20.82 16.64 -22.40
CA GLN E 184 -20.01 17.82 -22.60
C GLN E 184 -20.31 18.80 -21.48
N THR E 185 -19.27 19.35 -20.89
CA THR E 185 -19.46 20.38 -19.88
C THR E 185 -19.69 21.73 -20.57
N SER E 186 -20.44 22.60 -19.91
CA SER E 186 -20.49 24.03 -20.26
C SER E 186 -19.60 24.89 -19.34
N ASN E 187 -19.99 24.95 -18.07
CA ASN E 187 -19.35 25.83 -17.10
C ASN E 187 -18.41 25.06 -16.17
N VAL E 188 -17.11 25.23 -16.39
CA VAL E 188 -16.07 24.77 -15.46
C VAL E 188 -15.15 25.94 -15.17
N ASP E 189 -14.58 25.97 -13.96
CA ASP E 189 -13.57 26.97 -13.59
C ASP E 189 -12.27 26.72 -14.35
N LYS E 190 -11.72 25.53 -14.13
CA LYS E 190 -10.45 25.17 -14.70
C LYS E 190 -10.80 24.46 -15.99
N GLU E 191 -10.32 25.03 -17.10
CA GLU E 191 -10.31 24.34 -18.37
C GLU E 191 -9.98 22.85 -18.26
N GLU E 192 -9.03 22.50 -17.40
CA GLU E 192 -8.61 21.10 -17.28
C GLU E 192 -9.72 20.16 -16.82
N GLU E 193 -10.76 20.72 -16.19
CA GLU E 193 -11.96 19.93 -15.80
C GLU E 193 -12.95 19.69 -16.94
N ALA E 194 -12.79 20.42 -18.04
CA ALA E 194 -13.77 20.34 -19.12
C ALA E 194 -13.86 18.97 -19.77
N VAL E 195 -15.05 18.66 -20.29
CA VAL E 195 -15.18 17.72 -21.38
C VAL E 195 -15.64 18.46 -22.61
N THR E 196 -14.84 18.30 -23.67
CA THR E 196 -15.00 19.03 -24.91
C THR E 196 -15.02 18.03 -26.04
N ILE E 197 -16.03 18.14 -26.90
CA ILE E 197 -16.18 17.23 -28.02
C ILE E 197 -16.20 18.02 -29.33
N GLU E 198 -15.31 17.68 -30.25
CA GLU E 198 -15.38 18.20 -31.62
C GLU E 198 -15.77 17.07 -32.52
N MET E 199 -16.95 17.15 -33.11
CA MET E 199 -17.51 16.03 -33.85
C MET E 199 -17.89 16.40 -35.27
N ASN E 200 -17.29 15.70 -36.23
CA ASN E 200 -17.65 15.85 -37.64
C ASN E 200 -18.74 14.86 -38.00
N GLU E 201 -18.58 13.61 -37.59
CA GLU E 201 -19.68 12.66 -37.61
CA GLU E 201 -19.68 12.65 -37.60
C GLU E 201 -19.55 11.67 -36.45
N PRO E 202 -20.68 11.08 -36.01
CA PRO E 202 -20.63 10.20 -34.86
C PRO E 202 -19.81 8.98 -35.15
N VAL E 203 -19.18 8.40 -34.12
CA VAL E 203 -18.43 7.18 -34.29
C VAL E 203 -18.80 6.17 -33.19
N GLN E 204 -18.65 4.90 -33.50
CA GLN E 204 -18.75 3.85 -32.51
C GLN E 204 -17.72 2.79 -32.82
N LEU E 205 -16.81 2.57 -31.89
CA LEU E 205 -15.68 1.69 -32.10
C LEU E 205 -15.42 0.86 -30.86
N THR E 206 -14.81 -0.30 -31.04
CA THR E 206 -14.49 -1.22 -29.94
C THR E 206 -12.98 -1.37 -29.79
N PHE E 207 -12.50 -1.30 -28.55
CA PHE E 207 -11.06 -1.38 -28.23
C PHE E 207 -10.79 -2.29 -27.02
N ALA E 208 -9.62 -2.90 -26.99
CA ALA E 208 -9.19 -3.74 -25.86
C ALA E 208 -8.82 -2.88 -24.66
N LEU E 209 -9.55 -3.08 -23.57
CA LEU E 209 -9.31 -2.30 -22.33
C LEU E 209 -7.91 -2.50 -21.71
N ARG E 210 -7.32 -3.68 -21.89
N ARG E 210 -7.29 -3.66 -21.89
CA ARG E 210 -6.01 -3.91 -21.34
CA ARG E 210 -5.97 -3.89 -21.30
C ARG E 210 -5.00 -2.92 -21.88
C ARG E 210 -4.94 -2.92 -21.89
N TYR E 211 -5.12 -2.57 -23.16
CA TYR E 211 -4.22 -1.64 -23.80
C TYR E 211 -4.45 -0.21 -23.38
N LEU E 212 -5.73 0.16 -23.25
CA LEU E 212 -6.06 1.46 -22.67
C LEU E 212 -5.47 1.63 -21.29
N ASN E 213 -5.49 0.56 -20.50
CA ASN E 213 -4.93 0.65 -19.14
C ASN E 213 -3.39 0.76 -19.13
N PHE E 214 -2.71 0.27 -20.16
CA PHE E 214 -1.30 0.53 -20.34
C PHE E 214 -1.11 2.02 -20.64
N PHE E 215 -1.96 2.58 -21.50
CA PHE E 215 -1.82 3.97 -21.94
C PHE E 215 -1.97 4.93 -20.78
N THR E 216 -2.90 4.66 -19.89
CA THR E 216 -3.17 5.56 -18.78
C THR E 216 -2.06 5.58 -17.71
N LYS E 217 -0.99 4.84 -17.92
CA LYS E 217 0.24 5.03 -17.15
C LYS E 217 0.91 6.35 -17.41
N ALA E 218 0.49 7.03 -18.49
CA ALA E 218 0.93 8.38 -18.80
C ALA E 218 0.23 9.49 -18.02
N THR E 219 -0.85 9.12 -17.31
CA THR E 219 -1.70 10.09 -16.62
C THR E 219 -0.94 11.16 -15.82
N PRO E 220 0.16 10.79 -15.14
CA PRO E 220 0.92 11.84 -14.42
C PRO E 220 1.52 12.94 -15.29
N LEU E 221 1.65 12.73 -16.59
CA LEU E 221 2.23 13.71 -17.46
C LEU E 221 1.35 14.92 -17.71
N SER E 222 0.02 14.76 -17.57
CA SER E 222 -0.90 15.82 -17.97
C SER E 222 -2.22 15.65 -17.23
N SER E 223 -2.84 16.79 -16.91
CA SER E 223 -4.18 16.82 -16.34
C SER E 223 -5.27 16.43 -17.32
N THR E 224 -4.96 16.47 -18.61
CA THR E 224 -5.95 16.24 -19.64
C THR E 224 -5.43 15.25 -20.64
N VAL E 225 -6.37 14.62 -21.34
CA VAL E 225 -6.05 13.67 -22.38
C VAL E 225 -6.97 13.94 -23.56
N THR E 226 -6.52 13.63 -24.76
CA THR E 226 -7.43 13.68 -25.93
C THR E 226 -7.54 12.31 -26.58
N LEU E 227 -8.80 11.95 -26.91
CA LEU E 227 -9.10 10.78 -27.72
C LEU E 227 -9.54 11.20 -29.13
N SER E 228 -8.84 10.71 -30.14
CA SER E 228 -9.17 10.96 -31.54
C SER E 228 -9.60 9.67 -32.23
N MET E 229 -10.75 9.73 -32.90
CA MET E 229 -11.40 8.51 -33.40
C MET E 229 -11.99 8.68 -34.80
N SER E 230 -11.76 7.71 -35.68
CA SER E 230 -12.51 7.58 -36.92
C SER E 230 -12.84 6.13 -37.15
N ALA E 231 -13.83 5.87 -37.99
CA ALA E 231 -14.20 4.49 -38.34
C ALA E 231 -12.99 3.81 -38.99
N ASP E 232 -12.82 2.54 -38.68
CA ASP E 232 -11.81 1.70 -39.31
C ASP E 232 -10.37 2.18 -39.22
N VAL E 233 -10.04 3.03 -38.25
CA VAL E 233 -8.64 3.42 -38.04
C VAL E 233 -8.27 3.39 -36.55
N PRO E 234 -6.96 3.46 -36.23
CA PRO E 234 -6.63 3.33 -34.83
C PRO E 234 -7.14 4.52 -34.01
N LEU E 235 -7.48 4.26 -32.75
CA LEU E 235 -7.72 5.33 -31.77
C LEU E 235 -6.38 5.97 -31.41
N VAL E 236 -6.35 7.28 -31.23
CA VAL E 236 -5.14 8.01 -30.74
C VAL E 236 -5.43 8.62 -29.39
N VAL E 237 -4.64 8.22 -28.40
CA VAL E 237 -4.77 8.71 -27.05
C VAL E 237 -3.52 9.58 -26.83
N GLU E 238 -3.72 10.88 -26.62
CA GLU E 238 -2.59 11.83 -26.56
C GLU E 238 -2.47 12.58 -25.23
N TYR E 239 -1.24 12.60 -24.69
CA TYR E 239 -0.91 13.30 -23.48
C TYR E 239 0.19 14.34 -23.79
N LYS E 240 -0.15 15.61 -23.61
CA LYS E 240 0.81 16.67 -23.81
C LYS E 240 1.82 16.65 -22.70
N ILE E 241 3.08 16.87 -23.07
CA ILE E 241 4.17 17.06 -22.11
C ILE E 241 4.63 18.52 -22.17
N ALA E 242 4.07 19.34 -21.29
CA ALA E 242 4.00 20.79 -21.54
C ALA E 242 5.39 21.31 -21.80
N ASP E 243 5.52 22.21 -22.78
CA ASP E 243 6.80 22.82 -23.17
C ASP E 243 7.72 21.92 -24.00
N MET E 244 7.31 20.68 -24.25
CA MET E 244 8.26 19.70 -24.77
C MET E 244 7.73 18.91 -25.94
N GLY E 245 6.48 18.46 -25.86
CA GLY E 245 5.96 17.61 -26.91
C GLY E 245 4.85 16.79 -26.36
N HIS E 246 4.93 15.47 -26.55
CA HIS E 246 3.78 14.64 -26.34
C HIS E 246 4.13 13.17 -26.32
N LEU E 247 3.19 12.39 -25.79
CA LEU E 247 3.21 10.95 -25.90
C LEU E 247 1.85 10.59 -26.49
N LYS E 248 1.87 9.91 -27.64
CA LYS E 248 0.67 9.51 -28.35
C LYS E 248 0.66 8.00 -28.44
N TYR E 249 -0.45 7.40 -28.05
CA TYR E 249 -0.65 5.97 -28.20
C TYR E 249 -1.73 5.68 -29.24
N TYR E 250 -1.44 4.76 -30.14
CA TYR E 250 -2.35 4.35 -31.17
C TYR E 250 -2.79 2.94 -30.86
N LEU E 251 -4.08 2.68 -31.00
CA LEU E 251 -4.61 1.35 -30.74
C LEU E 251 -5.49 0.91 -31.86
N ALA E 252 -5.15 -0.22 -32.46
CA ALA E 252 -5.97 -0.80 -33.50
C ALA E 252 -7.32 -1.21 -32.91
N PRO E 253 -8.38 -0.91 -33.63
CA PRO E 253 -9.67 -1.35 -33.16
C PRO E 253 -9.89 -2.86 -33.34
N LYS E 254 -10.90 -3.36 -32.66
CA LYS E 254 -11.33 -4.74 -32.84
C LYS E 254 -12.28 -4.85 -34.05
N ILE E 255 -12.20 -5.98 -34.74
CA ILE E 255 -12.88 -6.12 -36.02
C ILE E 255 -14.40 -6.20 -35.80
N LYS F 4 -12.12 -10.52 -32.52
CA LYS F 4 -10.74 -10.50 -33.09
C LYS F 4 -10.17 -9.09 -33.09
N GLN F 5 -8.88 -9.01 -33.37
CA GLN F 5 -8.10 -7.82 -33.15
C GLN F 5 -7.36 -7.50 -34.44
N HIS F 6 -7.59 -6.32 -35.00
CA HIS F 6 -6.80 -5.83 -36.14
C HIS F 6 -5.32 -5.71 -35.76
N ASP F 7 -4.45 -5.89 -36.74
CA ASP F 7 -3.02 -5.68 -36.59
C ASP F 7 -2.68 -4.21 -36.87
N ILE F 8 -1.87 -3.62 -36.00
CA ILE F 8 -1.53 -2.20 -36.12
C ILE F 8 -0.81 -1.95 -37.45
N ARG F 9 -0.13 -2.96 -37.97
CA ARG F 9 0.69 -2.85 -39.18
C ARG F 9 -0.11 -2.61 -40.46
N SER F 10 -1.36 -3.07 -40.48
CA SER F 10 -2.33 -2.73 -41.54
C SER F 10 -2.47 -1.23 -41.80
N PHE F 11 -2.21 -0.42 -40.78
CA PHE F 11 -2.45 1.02 -40.84
C PHE F 11 -1.16 1.83 -41.04
N PHE F 12 -0.04 1.18 -41.38
CA PHE F 12 1.20 1.92 -41.65
C PHE F 12 1.36 2.34 -43.10
N VAL F 13 0.23 2.51 -43.80
CA VAL F 13 0.23 2.64 -45.24
C VAL F 13 -1.11 3.32 -45.59
N PRO F 14 -1.06 4.37 -46.43
CA PRO F 14 -2.18 5.31 -46.51
C PRO F 14 -3.51 4.69 -46.96
#